data_6S67
#
_entry.id   6S67
#
_cell.length_a   65.080
_cell.length_b   101.410
_cell.length_c   161.430
_cell.angle_alpha   90.000
_cell.angle_beta   90.000
_cell.angle_gamma   90.000
#
_symmetry.space_group_name_H-M   'P 21 21 21'
#
loop_
_entity.id
_entity.type
_entity.pdbx_description
1 polymer 'Aequorea cf. australis fluorescent protein 1 (AausFP1)'
2 non-polymer GLYCEROL
3 water water
#
_entity_poly.entity_id   1
_entity_poly.type   'polypeptide(L)'
_entity_poly.pdbx_seq_one_letter_code
;MSYGALLFREKIPYVVEMEGDVEGMKFSVRGKGHGDANTGKIEASFICTTGELPVPWSSILTTV(CRO)AQCFAKYPNDI
KDYPKSAMPEGYVQERTITFENDGVYKTRAEVTYEKGSVYNRVTLNGSGFKKGGNILGKKLEFNYNPHCIYVLPDVQNNG
IKCYINIVHDVIGGGQIIAAHQQLNTPLGGGPVDIPHYHHIQAHTILSKDPKETRDHMNVVEVFRAIDCKTAYA
;
_entity_poly.pdbx_strand_id   A,B,C,D
#
loop_
_chem_comp.id
_chem_comp.type
_chem_comp.name
_chem_comp.formula
GOL non-polymer GLYCEROL 'C3 H8 O3'
#
# COMPACT_ATOMS: atom_id res chain seq x y z
N LEU A 7 37.88 2.21 -6.33
CA LEU A 7 37.22 0.97 -6.85
C LEU A 7 35.68 1.08 -6.68
N PHE A 8 35.17 2.07 -5.94
CA PHE A 8 33.74 2.46 -5.88
C PHE A 8 33.51 3.87 -6.45
N ARG A 9 34.49 4.38 -7.20
CA ARG A 9 34.41 5.73 -7.83
C ARG A 9 33.42 5.68 -9.00
N GLU A 10 33.22 4.52 -9.62
CA GLU A 10 32.27 4.29 -10.74
C GLU A 10 31.17 3.31 -10.33
N LYS A 11 30.05 3.37 -11.06
CA LYS A 11 29.00 2.33 -11.12
C LYS A 11 29.68 1.01 -11.48
N ILE A 12 29.44 -0.07 -10.74
CA ILE A 12 30.06 -1.38 -11.04
C ILE A 12 29.02 -2.49 -10.95
N PRO A 13 29.21 -3.61 -11.70
CA PRO A 13 28.29 -4.74 -11.66
C PRO A 13 28.15 -5.33 -10.26
N TYR A 14 26.95 -5.86 -9.97
CA TYR A 14 26.58 -6.57 -8.72
C TYR A 14 25.98 -7.92 -9.13
N VAL A 15 26.47 -9.01 -8.57
CA VAL A 15 25.99 -10.41 -8.81
C VAL A 15 25.62 -11.02 -7.45
N VAL A 16 24.52 -11.75 -7.39
CA VAL A 16 24.05 -12.40 -6.13
C VAL A 16 23.81 -13.88 -6.42
N GLU A 17 24.36 -14.74 -5.57
CA GLU A 17 24.10 -16.19 -5.58
C GLU A 17 23.61 -16.53 -4.19
N MET A 18 22.34 -16.92 -4.09
CA MET A 18 21.71 -17.26 -2.80
C MET A 18 21.22 -18.71 -2.83
N GLU A 19 21.47 -19.45 -1.76
CA GLU A 19 20.88 -20.77 -1.51
C GLU A 19 20.03 -20.65 -0.25
N GLY A 20 18.80 -21.14 -0.30
CA GLY A 20 17.86 -21.03 0.82
C GLY A 20 17.32 -22.39 1.22
N ASP A 21 16.98 -22.53 2.48
CA ASP A 21 16.28 -23.70 3.05
C ASP A 21 15.37 -23.18 4.17
N VAL A 22 14.06 -23.16 3.94
CA VAL A 22 13.05 -22.71 4.93
C VAL A 22 12.15 -23.92 5.20
N GLU A 23 12.15 -24.43 6.43
CA GLU A 23 11.34 -25.59 6.87
C GLU A 23 11.50 -26.76 5.88
N GLY A 24 12.68 -26.97 5.31
CA GLY A 24 12.94 -28.11 4.40
C GLY A 24 12.74 -27.77 2.92
N MET A 25 12.07 -26.66 2.60
CA MET A 25 11.91 -26.18 1.20
C MET A 25 13.21 -25.49 0.72
N LYS A 26 13.99 -26.19 -0.11
CA LYS A 26 15.25 -25.66 -0.68
C LYS A 26 14.89 -24.76 -1.86
N PHE A 27 15.64 -23.69 -2.10
CA PHE A 27 15.47 -22.83 -3.28
C PHE A 27 16.79 -22.13 -3.57
N SER A 28 16.94 -21.66 -4.79
CA SER A 28 18.11 -20.86 -5.26
C SER A 28 17.59 -19.57 -5.88
N VAL A 29 18.27 -18.47 -5.63
CA VAL A 29 18.00 -17.16 -6.25
C VAL A 29 19.30 -16.66 -6.88
N ARG A 30 19.23 -16.11 -8.08
CA ARG A 30 20.38 -15.48 -8.78
C ARG A 30 19.95 -14.06 -9.08
N GLY A 31 20.87 -13.12 -8.95
CA GLY A 31 20.62 -11.72 -9.30
C GLY A 31 21.79 -11.14 -10.07
N LYS A 32 21.51 -10.13 -10.88
CA LYS A 32 22.52 -9.32 -11.59
C LYS A 32 21.99 -7.88 -11.59
N GLY A 33 22.87 -6.90 -11.42
CA GLY A 33 22.55 -5.48 -11.51
C GLY A 33 23.81 -4.65 -11.45
N HIS A 34 23.70 -3.42 -10.96
CA HIS A 34 24.85 -2.53 -10.68
C HIS A 34 24.62 -1.81 -9.35
N GLY A 35 25.70 -1.36 -8.72
CA GLY A 35 25.65 -0.42 -7.59
C GLY A 35 26.49 0.79 -7.87
N ASP A 36 26.05 1.94 -7.39
CA ASP A 36 26.77 3.22 -7.57
C ASP A 36 26.88 3.91 -6.20
N ALA A 37 28.05 3.80 -5.58
CA ALA A 37 28.34 4.33 -4.22
C ALA A 37 28.38 5.86 -4.26
N ASN A 38 28.49 6.47 -5.44
CA ASN A 38 28.40 7.95 -5.61
C ASN A 38 26.99 8.42 -5.23
N THR A 39 25.96 7.64 -5.56
CA THR A 39 24.53 7.98 -5.39
C THR A 39 23.89 7.11 -4.31
N GLY A 40 24.50 5.98 -3.97
CA GLY A 40 23.92 5.00 -3.05
C GLY A 40 22.90 4.10 -3.71
N LYS A 41 22.79 4.09 -5.05
CA LYS A 41 21.73 3.39 -5.82
C LYS A 41 22.14 1.94 -6.12
N ILE A 42 21.25 0.99 -5.87
CA ILE A 42 21.36 -0.40 -6.40
C ILE A 42 20.14 -0.66 -7.29
N GLU A 43 20.38 -1.14 -8.51
CA GLU A 43 19.36 -1.69 -9.43
C GLU A 43 19.79 -3.14 -9.72
N ALA A 44 18.96 -4.11 -9.38
CA ALA A 44 19.24 -5.53 -9.65
C ALA A 44 17.95 -6.31 -9.98
N SER A 45 18.08 -7.39 -10.74
CA SER A 45 16.99 -8.34 -11.09
C SER A 45 17.30 -9.68 -10.46
N PHE A 46 16.33 -10.25 -9.75
CA PHE A 46 16.45 -11.55 -9.05
C PHE A 46 15.47 -12.52 -9.69
N ILE A 47 15.95 -13.74 -9.95
CA ILE A 47 15.17 -14.88 -10.47
C ILE A 47 15.26 -15.99 -9.41
N CYS A 48 14.15 -16.61 -9.06
CA CYS A 48 14.19 -17.92 -8.38
C CYS A 48 14.42 -18.98 -9.46
N THR A 49 15.58 -19.66 -9.44
CA THR A 49 16.01 -20.60 -10.52
C THR A 49 15.52 -22.02 -10.22
N THR A 50 14.85 -22.26 -9.10
CA THR A 50 14.31 -23.59 -8.72
C THR A 50 12.78 -23.64 -8.81
N GLY A 51 12.17 -22.63 -9.43
CA GLY A 51 10.70 -22.58 -9.61
C GLY A 51 10.12 -21.41 -8.87
N GLU A 52 9.09 -21.68 -8.07
CA GLU A 52 8.33 -20.67 -7.29
C GLU A 52 9.09 -20.46 -5.98
N LEU A 53 9.36 -19.22 -5.58
CA LEU A 53 9.98 -18.90 -4.26
CA LEU A 53 9.98 -18.91 -4.26
C LEU A 53 9.01 -19.38 -3.18
N PRO A 54 9.45 -20.15 -2.18
CA PRO A 54 8.52 -20.69 -1.18
C PRO A 54 8.17 -19.73 -0.04
N VAL A 55 8.70 -18.50 -0.09
CA VAL A 55 8.50 -17.42 0.91
C VAL A 55 8.31 -16.11 0.15
N PRO A 56 7.80 -15.03 0.78
CA PRO A 56 7.62 -13.76 0.08
C PRO A 56 8.98 -13.22 -0.40
N TRP A 57 9.02 -12.60 -1.57
CA TRP A 57 10.22 -11.90 -2.08
C TRP A 57 10.68 -10.85 -1.06
N SER A 58 9.77 -10.02 -0.56
CA SER A 58 10.10 -8.91 0.38
C SER A 58 10.80 -9.50 1.61
N SER A 59 10.47 -10.74 2.00
CA SER A 59 11.09 -11.37 3.21
C SER A 59 12.60 -11.57 3.02
N ILE A 60 13.07 -11.70 1.79
CA ILE A 60 14.51 -11.99 1.49
C ILE A 60 15.21 -10.79 0.85
N LEU A 61 14.55 -9.63 0.78
CA LEU A 61 15.12 -8.41 0.16
C LEU A 61 16.45 -8.07 0.86
N THR A 62 16.47 -7.99 2.18
CA THR A 62 17.68 -7.56 2.95
C THR A 62 18.79 -8.60 2.75
N THR A 63 18.45 -9.88 2.59
CA THR A 63 19.44 -10.97 2.43
C THR A 63 20.17 -10.85 1.08
N VAL A 64 19.46 -10.45 0.01
CA VAL A 64 20.02 -10.38 -1.37
C VAL A 64 20.54 -8.97 -1.63
N1 CRO A 65 19.96 -7.73 -1.01
CA1 CRO A 65 20.65 -6.45 -0.99
CB1 CRO A 65 19.86 -5.46 -1.81
CG1 CRO A 65 19.82 -5.83 -3.26
OG1 CRO A 65 18.52 -5.44 -1.37
C1 CRO A 65 20.85 -6.01 0.43
N2 CRO A 65 20.01 -5.15 1.06
N3 CRO A 65 21.87 -6.42 1.25
C2 CRO A 65 21.67 -5.81 2.42
O2 CRO A 65 22.40 -5.91 3.53
CA2 CRO A 65 20.46 -4.99 2.30
CA3 CRO A 65 22.95 -7.36 0.95
C3 CRO A 65 24.23 -6.71 0.46
O3 CRO A 65 25.29 -7.38 0.58
CB2 CRO A 65 19.88 -4.16 3.36
CG2 CRO A 65 18.65 -3.33 3.34
CD1 CRO A 65 18.28 -2.77 4.56
CD2 CRO A 65 17.85 -3.11 2.26
CE1 CRO A 65 17.15 -1.99 4.69
CE2 CRO A 65 16.71 -2.31 2.39
CZ CRO A 65 16.35 -1.76 3.60
OH CRO A 65 15.26 -0.96 3.74
N ALA A 66 24.30 -5.55 -0.06
CA ALA A 66 25.58 -4.90 -0.53
C ALA A 66 25.68 -3.49 0.07
N GLN A 67 25.93 -3.43 1.39
CA GLN A 67 26.04 -2.17 2.18
C GLN A 67 27.22 -1.35 1.65
N CYS A 68 28.19 -1.97 0.98
CA CYS A 68 29.36 -1.28 0.38
C CYS A 68 28.91 -0.24 -0.64
N PHE A 69 27.72 -0.37 -1.21
CA PHE A 69 27.21 0.59 -2.23
C PHE A 69 26.59 1.83 -1.59
N ALA A 70 26.43 1.87 -0.27
CA ALA A 70 25.79 3.02 0.43
C ALA A 70 26.60 4.28 0.16
N LYS A 71 25.94 5.42 0.03
CA LYS A 71 26.61 6.74 -0.14
C LYS A 71 27.12 7.20 1.22
N TYR A 72 28.45 7.26 1.38
CA TYR A 72 29.13 7.65 2.65
C TYR A 72 29.71 9.03 2.45
N PRO A 73 29.53 9.96 3.41
CA PRO A 73 30.26 11.22 3.39
C PRO A 73 31.71 10.96 3.84
N ASN A 74 32.56 11.99 3.73
CA ASN A 74 33.97 11.98 4.18
C ASN A 74 34.07 11.75 5.69
N ASP A 75 33.10 12.18 6.50
CA ASP A 75 33.31 12.23 7.96
C ASP A 75 32.67 11.02 8.66
N ILE A 76 32.39 9.92 7.94
CA ILE A 76 32.02 8.64 8.60
C ILE A 76 32.85 7.53 7.98
N LYS A 77 33.50 6.71 8.79
CA LYS A 77 34.26 5.56 8.28
C LYS A 77 33.29 4.59 7.59
N ASP A 78 33.74 4.06 6.46
CA ASP A 78 32.96 3.18 5.56
C ASP A 78 33.54 1.77 5.68
N TYR A 79 33.03 0.99 6.63
CA TYR A 79 33.60 -0.32 7.01
C TYR A 79 33.55 -1.26 5.82
N PRO A 80 32.37 -1.49 5.18
CA PRO A 80 32.26 -2.41 4.06
C PRO A 80 33.21 -2.07 2.89
N LYS A 81 33.30 -0.80 2.46
CA LYS A 81 34.27 -0.47 1.37
C LYS A 81 35.71 -0.72 1.85
N SER A 82 36.03 -0.47 3.13
CA SER A 82 37.40 -0.64 3.68
C SER A 82 37.79 -2.12 3.64
N ALA A 83 36.82 -3.03 3.78
CA ALA A 83 37.04 -4.49 3.80
C ALA A 83 37.31 -5.01 2.39
N MET A 84 37.02 -4.19 1.38
CA MET A 84 37.19 -4.55 -0.05
C MET A 84 38.61 -4.24 -0.47
N PRO A 85 39.19 -4.95 -1.47
CA PRO A 85 38.50 -5.98 -2.25
C PRO A 85 38.42 -7.42 -1.70
N GLU A 86 39.19 -7.80 -0.68
CA GLU A 86 39.11 -9.19 -0.15
C GLU A 86 37.66 -9.42 0.31
N GLY A 87 37.00 -8.36 0.80
CA GLY A 87 35.59 -8.40 1.17
C GLY A 87 35.31 -8.71 2.65
N TYR A 88 34.05 -9.04 2.96
CA TYR A 88 33.58 -9.16 4.36
C TYR A 88 32.48 -10.23 4.46
N VAL A 89 32.31 -10.76 5.66
CA VAL A 89 31.20 -11.67 6.04
C VAL A 89 30.07 -10.82 6.62
N GLN A 90 28.84 -11.04 6.16
CA GLN A 90 27.62 -10.42 6.72
C GLN A 90 26.75 -11.56 7.25
N GLU A 91 26.57 -11.61 8.57
CA GLU A 91 25.68 -12.59 9.27
C GLU A 91 24.46 -11.84 9.77
N ARG A 92 23.28 -12.40 9.64
CA ARG A 92 22.04 -11.82 10.19
C ARG A 92 21.22 -12.87 10.91
N THR A 93 20.57 -12.46 11.99
CA THR A 93 19.37 -13.12 12.53
C THR A 93 18.19 -12.19 12.24
N ILE A 94 17.19 -12.71 11.53
CA ILE A 94 15.93 -11.98 11.21
C ILE A 94 14.79 -12.74 11.86
N THR A 95 14.10 -12.12 12.83
CA THR A 95 12.98 -12.75 13.55
C THR A 95 11.69 -11.96 13.20
N PHE A 96 10.72 -12.68 12.66
CA PHE A 96 9.46 -12.12 12.10
C PHE A 96 8.43 -12.14 13.22
N GLU A 97 7.73 -11.01 13.39
CA GLU A 97 6.63 -10.85 14.35
C GLU A 97 5.73 -12.09 14.27
N ASN A 98 5.49 -12.76 15.39
CA ASN A 98 4.55 -13.90 15.55
C ASN A 98 4.96 -15.05 14.62
N ASP A 99 6.21 -15.11 14.13
CA ASP A 99 6.57 -16.15 13.15
C ASP A 99 8.03 -16.58 13.39
N GLY A 100 8.67 -17.23 12.41
CA GLY A 100 9.99 -17.86 12.56
C GLY A 100 11.14 -16.88 12.37
N VAL A 101 12.35 -17.42 12.18
CA VAL A 101 13.62 -16.66 12.05
C VAL A 101 14.38 -17.16 10.82
N TYR A 102 14.97 -16.21 10.07
CA TYR A 102 16.01 -16.46 9.06
C TYR A 102 17.37 -16.24 9.74
N LYS A 103 18.28 -17.21 9.60
CA LYS A 103 19.72 -17.05 9.90
C LYS A 103 20.42 -17.03 8.54
N THR A 104 21.23 -16.01 8.27
CA THR A 104 21.91 -15.83 6.96
C THR A 104 23.40 -15.61 7.18
N ARG A 105 24.22 -16.13 6.28
CA ARG A 105 25.68 -15.87 6.23
C ARG A 105 26.01 -15.53 4.79
N ALA A 106 26.53 -14.33 4.55
CA ALA A 106 26.94 -13.83 3.23
C ALA A 106 28.44 -13.60 3.21
N GLU A 107 29.06 -13.79 2.04
CA GLU A 107 30.42 -13.32 1.72
C GLU A 107 30.25 -12.30 0.60
N VAL A 108 30.58 -11.04 0.86
CA VAL A 108 30.54 -9.96 -0.14
C VAL A 108 31.98 -9.67 -0.56
N THR A 109 32.33 -9.90 -1.83
CA THR A 109 33.71 -9.83 -2.36
C THR A 109 33.73 -8.97 -3.61
N TYR A 110 34.91 -8.50 -4.02
CA TYR A 110 35.14 -7.85 -5.33
C TYR A 110 35.99 -8.80 -6.18
N GLU A 111 35.44 -9.30 -7.27
CA GLU A 111 36.07 -10.25 -8.25
C GLU A 111 35.77 -9.78 -9.68
N LYS A 112 36.80 -9.64 -10.51
CA LYS A 112 36.63 -9.46 -11.98
C LYS A 112 35.67 -8.29 -12.24
N GLY A 113 35.90 -7.19 -11.55
CA GLY A 113 35.24 -5.90 -11.80
C GLY A 113 33.86 -5.81 -11.18
N SER A 114 33.42 -6.86 -10.47
CA SER A 114 32.05 -7.03 -9.95
C SER A 114 32.04 -7.25 -8.42
N VAL A 115 30.99 -6.78 -7.74
CA VAL A 115 30.71 -7.13 -6.32
C VAL A 115 29.85 -8.39 -6.29
N TYR A 116 30.26 -9.41 -5.56
CA TYR A 116 29.52 -10.68 -5.40
C TYR A 116 28.95 -10.74 -3.99
N ASN A 117 27.67 -11.09 -3.89
CA ASN A 117 26.98 -11.38 -2.61
C ASN A 117 26.58 -12.85 -2.68
N ARG A 118 27.41 -13.75 -2.13
CA ARG A 118 27.11 -15.20 -2.06
C ARG A 118 26.57 -15.49 -0.67
N VAL A 119 25.33 -15.91 -0.56
CA VAL A 119 24.62 -15.87 0.75
C VAL A 119 23.79 -17.14 0.89
N THR A 120 23.81 -17.71 2.09
CA THR A 120 23.01 -18.89 2.50
C THR A 120 21.98 -18.41 3.50
N LEU A 121 20.79 -19.00 3.50
CA LEU A 121 19.68 -18.64 4.41
C LEU A 121 19.05 -19.94 4.92
N ASN A 122 18.86 -20.07 6.23
CA ASN A 122 18.04 -21.15 6.85
C ASN A 122 16.90 -20.49 7.61
N GLY A 123 15.69 -21.01 7.45
CA GLY A 123 14.49 -20.54 8.18
C GLY A 123 13.90 -21.68 9.01
N SER A 124 13.46 -21.38 10.21
CA SER A 124 12.76 -22.34 11.11
C SER A 124 11.87 -21.57 12.09
N GLY A 125 10.97 -22.30 12.75
CA GLY A 125 9.96 -21.76 13.68
C GLY A 125 8.82 -21.06 12.97
N PHE A 126 8.68 -21.22 11.65
CA PHE A 126 7.59 -20.60 10.86
C PHE A 126 6.28 -21.39 11.03
N LYS A 127 5.15 -20.66 11.04
CA LYS A 127 3.78 -21.19 11.19
C LYS A 127 3.23 -21.56 9.81
N LYS A 128 2.61 -22.75 9.72
N LYS A 128 2.58 -22.72 9.71
CA LYS A 128 1.81 -23.21 8.57
CA LYS A 128 1.93 -23.30 8.49
C LYS A 128 0.63 -22.24 8.44
C LYS A 128 1.29 -22.22 7.60
N GLY A 129 0.52 -21.57 7.29
N GLY A 129 0.16 -21.62 8.02
CA GLY A 129 -0.57 -20.61 6.98
CA GLY A 129 -0.60 -20.67 7.18
C GLY A 129 -0.35 -19.23 7.57
C GLY A 129 -0.36 -19.23 7.59
N GLY A 130 0.85 -18.92 8.05
CA GLY A 130 1.24 -17.57 8.51
C GLY A 130 1.67 -16.71 7.34
N ASN A 131 2.11 -15.50 7.61
CA ASN A 131 2.40 -14.46 6.58
C ASN A 131 3.59 -14.90 5.72
N ILE A 132 4.43 -15.81 6.20
CA ILE A 132 5.68 -16.16 5.46
C ILE A 132 5.43 -17.43 4.65
N LEU A 133 5.06 -18.54 5.29
CA LEU A 133 4.85 -19.83 4.57
C LEU A 133 3.60 -19.71 3.70
N GLY A 134 2.60 -18.94 4.12
CA GLY A 134 1.39 -18.63 3.34
C GLY A 134 1.61 -17.59 2.26
N LYS A 135 2.80 -16.98 2.17
CA LYS A 135 3.12 -15.88 1.24
C LYS A 135 2.00 -14.84 1.22
N LYS A 136 1.73 -14.20 2.36
CA LYS A 136 0.65 -13.20 2.50
C LYS A 136 1.21 -11.79 2.61
N LEU A 137 2.51 -11.59 2.39
CA LEU A 137 3.16 -10.25 2.39
C LEU A 137 2.99 -9.63 1.00
N GLU A 138 2.70 -8.34 0.93
CA GLU A 138 2.61 -7.60 -0.35
C GLU A 138 3.97 -7.65 -1.04
N PHE A 139 3.97 -7.60 -2.37
CA PHE A 139 5.14 -7.37 -3.21
C PHE A 139 5.37 -5.86 -3.27
N ASN A 140 5.88 -5.31 -2.18
CA ASN A 140 6.40 -3.93 -2.09
C ASN A 140 7.37 -3.87 -0.91
N TYR A 141 7.89 -2.69 -0.64
CA TYR A 141 8.87 -2.46 0.43
C TYR A 141 8.70 -1.04 0.94
N ASN A 142 9.19 -0.85 2.16
CA ASN A 142 9.13 0.42 2.91
C ASN A 142 10.56 0.94 3.03
N PRO A 143 10.71 2.25 3.29
CA PRO A 143 12.00 2.81 3.65
C PRO A 143 12.31 2.47 5.11
N HIS A 144 13.58 2.44 5.46
CA HIS A 144 14.05 1.96 6.79
C HIS A 144 15.27 2.76 7.24
N CYS A 145 15.57 2.62 8.52
CA CYS A 145 16.77 3.21 9.15
C CYS A 145 17.66 2.10 9.69
N ILE A 146 18.87 1.97 9.13
CA ILE A 146 19.86 0.97 9.60
C ILE A 146 20.72 1.65 10.67
N TYR A 147 20.88 1.01 11.83
CA TYR A 147 21.83 1.40 12.88
C TYR A 147 23.16 0.69 12.58
N VAL A 148 24.25 1.46 12.51
CA VAL A 148 25.64 0.94 12.38
C VAL A 148 26.40 1.33 13.65
N LEU A 149 26.90 0.33 14.37
CA LEU A 149 27.67 0.47 15.63
C LEU A 149 29.07 -0.10 15.42
N PRO A 150 30.13 0.48 16.02
CA PRO A 150 31.44 -0.17 16.07
C PRO A 150 31.39 -1.50 16.83
N ASP A 151 32.16 -2.48 16.38
CA ASP A 151 32.36 -3.77 17.11
C ASP A 151 33.83 -4.16 17.00
N VAL A 152 34.69 -3.43 17.69
CA VAL A 152 36.17 -3.58 17.66
C VAL A 152 36.57 -4.99 18.13
N GLN A 153 35.86 -5.57 19.09
CA GLN A 153 36.09 -6.94 19.61
C GLN A 153 36.12 -7.93 18.43
N ASN A 154 35.34 -7.67 17.38
CA ASN A 154 35.14 -8.57 16.21
C ASN A 154 35.78 -7.96 14.96
N ASN A 155 36.55 -6.90 15.12
CA ASN A 155 37.21 -6.20 13.99
C ASN A 155 36.16 -5.82 12.94
N GLY A 156 34.99 -5.34 13.36
CA GLY A 156 33.88 -5.06 12.43
C GLY A 156 32.83 -4.10 12.95
N ILE A 157 31.61 -4.28 12.45
CA ILE A 157 30.43 -3.45 12.82
C ILE A 157 29.27 -4.41 13.16
N LYS A 158 28.42 -4.01 14.10
CA LYS A 158 27.13 -4.67 14.36
C LYS A 158 26.05 -3.67 13.92
N CYS A 159 25.02 -4.16 13.22
CA CYS A 159 23.94 -3.31 12.67
C CYS A 159 22.60 -3.85 13.16
N TYR A 160 21.64 -2.94 13.34
CA TYR A 160 20.26 -3.28 13.76
C TYR A 160 19.29 -2.58 12.83
N ILE A 161 18.27 -3.31 12.40
CA ILE A 161 17.19 -2.79 11.51
C ILE A 161 15.88 -3.41 11.94
N ASN A 162 14.83 -2.59 12.02
CA ASN A 162 13.44 -3.08 11.92
C ASN A 162 12.99 -2.93 10.47
N ILE A 163 12.52 -4.02 9.88
CA ILE A 163 11.89 -4.00 8.54
C ILE A 163 10.37 -4.08 8.74
N VAL A 164 9.65 -3.16 8.10
CA VAL A 164 8.17 -3.11 8.09
C VAL A 164 7.70 -3.77 6.81
N HIS A 165 7.04 -4.92 6.94
CA HIS A 165 6.44 -5.70 5.83
C HIS A 165 4.94 -5.41 5.78
N ASP A 166 4.45 -4.87 4.66
CA ASP A 166 3.00 -4.68 4.42
C ASP A 166 2.38 -6.06 4.13
N VAL A 167 1.30 -6.39 4.82
CA VAL A 167 0.50 -7.64 4.66
C VAL A 167 -0.62 -7.37 3.64
N ILE A 168 -0.88 -8.34 2.75
CA ILE A 168 -1.99 -8.29 1.77
C ILE A 168 -3.29 -8.05 2.54
N GLY A 169 -4.04 -7.04 2.09
CA GLY A 169 -5.39 -6.74 2.59
C GLY A 169 -5.34 -5.87 3.81
N GLY A 170 -4.19 -5.25 4.10
CA GLY A 170 -4.01 -4.29 5.20
C GLY A 170 -3.18 -4.88 6.33
N GLY A 171 -2.48 -4.02 7.05
CA GLY A 171 -1.66 -4.39 8.21
C GLY A 171 -0.19 -4.43 7.87
N GLN A 172 0.66 -4.43 8.90
CA GLN A 172 2.14 -4.46 8.80
C GLN A 172 2.65 -5.40 9.89
N ILE A 173 3.76 -6.09 9.64
CA ILE A 173 4.53 -6.83 10.66
C ILE A 173 5.99 -6.34 10.62
N ILE A 174 6.71 -6.57 11.72
CA ILE A 174 8.16 -6.23 11.89
C ILE A 174 8.99 -7.49 11.67
N ALA A 175 10.05 -7.36 10.87
CA ALA A 175 11.18 -8.32 10.82
C ALA A 175 12.38 -7.64 11.48
N ALA A 176 12.68 -8.04 12.72
CA ALA A 176 13.81 -7.56 13.53
C ALA A 176 15.12 -8.18 13.01
N HIS A 177 16.05 -7.34 12.54
CA HIS A 177 17.36 -7.72 12.00
C HIS A 177 18.48 -7.42 13.02
N GLN A 178 19.27 -8.43 13.35
CA GLN A 178 20.58 -8.31 14.04
C GLN A 178 21.64 -8.70 13.01
N GLN A 179 22.69 -7.93 12.85
CA GLN A 179 23.66 -8.07 11.72
C GLN A 179 25.07 -7.88 12.26
N LEU A 180 26.00 -8.74 11.84
CA LEU A 180 27.45 -8.64 12.17
C LEU A 180 28.24 -8.65 10.86
N ASN A 181 29.13 -7.68 10.66
CA ASN A 181 30.04 -7.64 9.49
C ASN A 181 31.46 -7.73 10.02
N THR A 182 32.20 -8.74 9.56
CA THR A 182 33.61 -9.01 9.92
C THR A 182 34.43 -9.16 8.63
N PRO A 183 35.76 -9.03 8.67
CA PRO A 183 36.57 -9.04 7.45
C PRO A 183 36.84 -10.48 6.97
N LEU A 184 37.02 -10.61 5.66
CA LEU A 184 37.54 -11.84 5.01
C LEU A 184 39.06 -11.77 4.96
N GLY A 185 39.61 -10.56 4.79
CA GLY A 185 41.07 -10.31 4.78
C GLY A 185 41.69 -10.24 6.17
N GLY A 186 43.01 -10.09 6.21
CA GLY A 186 43.77 -9.67 7.41
C GLY A 186 44.16 -8.21 7.32
N GLY A 187 43.74 -7.52 6.25
CA GLY A 187 44.09 -6.12 5.96
C GLY A 187 43.51 -5.17 7.01
N PRO A 188 43.93 -3.89 7.01
CA PRO A 188 43.33 -2.88 7.89
C PRO A 188 41.89 -2.57 7.47
N VAL A 189 41.01 -2.34 8.44
CA VAL A 189 39.58 -1.94 8.23
C VAL A 189 39.31 -0.59 8.91
N ASP A 190 38.33 0.17 8.44
CA ASP A 190 37.90 1.46 9.06
C ASP A 190 36.62 1.19 9.88
N ILE A 191 36.68 1.23 11.21
CA ILE A 191 35.53 0.98 12.11
C ILE A 191 34.93 2.32 12.55
N PRO A 192 33.67 2.61 12.17
CA PRO A 192 33.08 3.93 12.38
C PRO A 192 32.43 4.12 13.76
N HIS A 193 32.19 5.39 14.09
CA HIS A 193 31.31 5.75 15.22
C HIS A 193 29.87 5.36 14.83
N TYR A 194 29.00 5.22 15.83
CA TYR A 194 27.55 4.95 15.64
C TYR A 194 26.93 6.01 14.73
N HIS A 195 26.24 5.54 13.69
CA HIS A 195 25.54 6.38 12.69
C HIS A 195 24.38 5.57 12.06
N HIS A 196 23.62 6.20 11.17
CA HIS A 196 22.47 5.61 10.47
C HIS A 196 22.74 5.52 8.98
N ILE A 197 22.10 4.53 8.35
CA ILE A 197 21.94 4.47 6.87
C ILE A 197 20.44 4.52 6.61
N GLN A 198 20.01 5.57 5.92
CA GLN A 198 18.65 5.71 5.35
C GLN A 198 18.56 4.78 4.12
N ALA A 199 17.51 3.94 4.09
CA ALA A 199 17.28 2.94 3.04
C ALA A 199 15.90 3.19 2.43
N HIS A 200 15.81 3.10 1.10
CA HIS A 200 14.56 3.30 0.31
C HIS A 200 14.59 2.26 -0.81
N THR A 201 13.50 1.54 -1.03
CA THR A 201 13.48 0.33 -1.89
C THR A 201 12.14 0.27 -2.64
N ILE A 202 12.17 0.27 -3.96
CA ILE A 202 10.98 0.00 -4.82
C ILE A 202 11.15 -1.36 -5.51
N LEU A 203 10.21 -2.28 -5.27
CA LEU A 203 10.10 -3.60 -5.93
C LEU A 203 9.20 -3.49 -7.18
N SER A 204 9.52 -4.25 -8.23
CA SER A 204 8.72 -4.27 -9.49
C SER A 204 8.84 -5.65 -10.14
N LYS A 205 7.91 -5.97 -11.03
CA LYS A 205 7.96 -7.17 -11.91
C LYS A 205 8.16 -6.68 -13.33
N ASP A 206 8.80 -7.50 -14.13
CA ASP A 206 8.90 -7.41 -15.60
C ASP A 206 7.71 -8.18 -16.19
N PRO A 207 6.81 -7.50 -16.94
CA PRO A 207 5.70 -8.19 -17.59
C PRO A 207 6.14 -9.27 -18.59
N LYS A 208 7.34 -9.18 -19.14
CA LYS A 208 7.88 -10.12 -20.17
C LYS A 208 8.58 -11.31 -19.50
N GLU A 209 8.80 -11.28 -18.19
CA GLU A 209 9.56 -12.33 -17.46
C GLU A 209 8.59 -13.42 -17.00
N THR A 210 8.81 -14.68 -17.38
CA THR A 210 7.88 -15.80 -17.01
C THR A 210 8.30 -16.50 -15.71
N ARG A 211 9.57 -16.41 -15.30
CA ARG A 211 10.04 -17.07 -14.04
C ARG A 211 9.63 -16.22 -12.82
N ASP A 212 9.53 -16.84 -11.64
CA ASP A 212 9.32 -16.13 -10.36
C ASP A 212 10.51 -15.18 -10.17
N HIS A 213 10.25 -13.87 -9.97
CA HIS A 213 11.30 -12.82 -10.05
C HIS A 213 10.95 -11.59 -9.21
N MET A 214 11.96 -10.73 -9.00
CA MET A 214 11.88 -9.46 -8.26
C MET A 214 12.95 -8.51 -8.82
N ASN A 215 12.52 -7.34 -9.28
CA ASN A 215 13.40 -6.22 -9.65
C ASN A 215 13.35 -5.18 -8.54
N VAL A 216 14.47 -4.48 -8.36
CA VAL A 216 14.71 -3.59 -7.19
C VAL A 216 15.41 -2.34 -7.67
N VAL A 217 14.92 -1.21 -7.18
CA VAL A 217 15.64 0.09 -7.17
C VAL A 217 15.74 0.55 -5.72
N GLU A 218 16.96 0.76 -5.25
CA GLU A 218 17.29 1.04 -3.83
C GLU A 218 18.19 2.28 -3.74
N VAL A 219 18.04 3.06 -2.66
CA VAL A 219 18.95 4.18 -2.29
C VAL A 219 19.34 4.01 -0.81
N PHE A 220 20.65 3.99 -0.55
CA PHE A 220 21.27 3.92 0.79
C PHE A 220 22.16 5.14 0.98
N ARG A 221 21.90 5.93 2.01
CA ARG A 221 22.73 7.11 2.35
C ARG A 221 23.05 7.06 3.84
N ALA A 222 24.36 7.04 4.15
CA ALA A 222 24.88 7.16 5.53
C ALA A 222 24.61 8.58 6.01
N ILE A 223 24.12 8.71 7.24
CA ILE A 223 23.84 10.02 7.89
CA ILE A 223 23.84 10.02 7.89
C ILE A 223 24.56 10.03 9.25
N ASP A 224 25.29 11.11 9.52
CA ASP A 224 25.98 11.33 10.81
C ASP A 224 24.93 11.89 11.78
N CYS A 225 24.10 11.00 12.33
CA CYS A 225 22.85 11.38 13.06
C CYS A 225 23.20 12.18 14.33
N LYS A 226 24.37 11.94 14.90
CA LYS A 226 24.89 12.69 16.08
C LYS A 226 24.90 14.18 15.74
N THR A 227 25.15 14.55 14.48
CA THR A 227 25.13 15.95 14.02
C THR A 227 23.78 16.27 13.38
N ALA A 228 23.36 15.48 12.39
CA ALA A 228 22.26 15.81 11.43
C ALA A 228 20.93 15.93 12.16
N TYR A 229 20.69 15.17 13.25
CA TYR A 229 19.39 15.17 13.97
C TYR A 229 19.35 16.27 15.05
N ALA A 230 20.44 17.00 15.26
CA ALA A 230 20.57 18.02 16.34
C ALA A 230 19.68 19.23 16.01
N LEU B 7 -2.97 24.84 20.33
CA LEU B 7 -2.70 24.02 21.58
C LEU B 7 -1.19 23.86 21.75
N PHE B 8 -0.47 23.65 20.64
CA PHE B 8 1.00 23.45 20.57
C PHE B 8 1.66 24.58 19.76
N ARG B 9 0.96 25.71 19.61
CA ARG B 9 1.40 26.88 18.81
C ARG B 9 2.59 27.56 19.49
N GLU B 10 2.64 27.49 20.82
CA GLU B 10 3.70 28.12 21.66
C GLU B 10 4.49 27.02 22.42
N LYS B 11 5.69 27.37 22.86
CA LYS B 11 6.42 26.68 23.95
C LYS B 11 5.48 26.56 25.17
N ILE B 12 5.31 25.37 25.72
CA ILE B 12 4.40 25.19 26.88
C ILE B 12 5.06 24.29 27.91
N PRO B 13 4.72 24.47 29.21
CA PRO B 13 5.27 23.65 30.28
C PRO B 13 5.00 22.16 30.08
N TYR B 14 5.95 21.33 30.55
CA TYR B 14 5.93 19.86 30.53
C TYR B 14 6.23 19.41 31.94
N VAL B 15 5.40 18.53 32.51
CA VAL B 15 5.50 17.99 33.89
C VAL B 15 5.49 16.47 33.79
N VAL B 16 6.35 15.80 34.54
CA VAL B 16 6.46 14.31 34.56
C VAL B 16 6.34 13.86 36.01
N GLU B 17 5.46 12.89 36.25
CA GLU B 17 5.30 12.17 37.52
C GLU B 17 5.44 10.70 37.19
N MET B 18 6.54 10.10 37.61
CA MET B 18 6.86 8.68 37.34
C MET B 18 6.94 7.91 38.67
N GLU B 19 6.37 6.72 38.71
CA GLU B 19 6.54 5.73 39.80
C GLU B 19 7.18 4.51 39.15
N GLY B 20 8.25 3.98 39.75
CA GLY B 20 8.96 2.80 39.23
C GLY B 20 9.07 1.71 40.25
N ASP B 21 9.19 0.46 39.81
CA ASP B 21 9.47 -0.72 40.63
C ASP B 21 10.29 -1.69 39.76
N VAL B 22 11.58 -1.83 40.05
CA VAL B 22 12.51 -2.72 39.30
C VAL B 22 13.04 -3.76 40.28
N GLU B 23 12.69 -5.02 40.08
CA GLU B 23 13.07 -6.15 40.96
C GLU B 23 12.80 -5.81 42.44
N GLY B 24 11.71 -5.11 42.75
CA GLY B 24 11.31 -4.78 44.13
C GLY B 24 11.81 -3.43 44.61
N MET B 25 12.78 -2.82 43.91
CA MET B 25 13.31 -1.47 44.26
C MET B 25 12.34 -0.39 43.76
N LYS B 26 11.55 0.19 44.64
CA LYS B 26 10.55 1.25 44.29
C LYS B 26 11.28 2.58 44.18
N PHE B 27 10.86 3.45 43.28
CA PHE B 27 11.43 4.83 43.18
C PHE B 27 10.40 5.76 42.53
N SER B 28 10.56 7.06 42.75
CA SER B 28 9.75 8.13 42.15
C SER B 28 10.67 9.13 41.43
N VAL B 29 10.27 9.61 40.26
CA VAL B 29 10.98 10.67 39.51
C VAL B 29 9.97 11.77 39.21
N ARG B 30 10.37 13.02 39.37
CA ARG B 30 9.55 14.21 39.03
C ARG B 30 10.36 15.02 38.05
N GLY B 31 9.74 15.54 37.02
CA GLY B 31 10.39 16.40 36.01
C GLY B 31 9.56 17.62 35.71
N LYS B 32 10.22 18.70 35.38
CA LYS B 32 9.59 19.95 34.92
C LYS B 32 10.46 20.48 33.78
N GLY B 33 9.83 20.98 32.74
CA GLY B 33 10.52 21.61 31.61
C GLY B 33 9.50 22.27 30.69
N HIS B 34 9.85 22.35 29.42
CA HIS B 34 8.96 22.89 28.36
CA HIS B 34 8.98 22.90 28.36
C HIS B 34 9.16 22.06 27.10
N GLY B 35 8.14 22.03 26.25
CA GLY B 35 8.20 21.45 24.89
C GLY B 35 7.79 22.51 23.88
N ASP B 36 8.44 22.55 22.72
CA ASP B 36 8.11 23.50 21.63
C ASP B 36 7.96 22.70 20.33
N ALA B 37 6.72 22.41 19.94
CA ALA B 37 6.36 21.59 18.77
C ALA B 37 6.69 22.32 17.48
N ASN B 38 6.95 23.63 17.54
CA ASN B 38 7.43 24.43 16.40
C ASN B 38 8.83 23.97 15.99
N THR B 39 9.67 23.59 16.96
CA THR B 39 11.09 23.20 16.78
C THR B 39 11.30 21.70 17.07
N GLY B 40 10.37 21.08 17.80
CA GLY B 40 10.49 19.68 18.25
C GLY B 40 11.36 19.54 19.49
N LYS B 41 11.68 20.64 20.16
CA LYS B 41 12.67 20.70 21.28
C LYS B 41 11.96 20.46 22.62
N ILE B 42 12.53 19.57 23.44
CA ILE B 42 12.16 19.41 24.87
C ILE B 42 13.40 19.74 25.70
N GLU B 43 13.25 20.59 26.72
CA GLU B 43 14.22 20.80 27.81
C GLU B 43 13.50 20.48 29.12
N ALA B 44 14.00 19.55 29.91
CA ALA B 44 13.41 19.21 31.22
C ALA B 44 14.50 18.85 32.23
N SER B 45 14.21 19.04 33.53
CA SER B 45 15.03 18.57 34.67
C SER B 45 14.27 17.49 35.40
N PHE B 46 14.93 16.36 35.67
CA PHE B 46 14.36 15.22 36.40
C PHE B 46 15.13 15.07 37.72
N ILE B 47 14.39 14.81 38.80
CA ILE B 47 14.90 14.54 40.16
C ILE B 47 14.39 13.17 40.54
N CYS B 48 15.22 12.28 41.08
CA CYS B 48 14.72 11.10 41.82
C CYS B 48 14.40 11.59 43.23
N THR B 49 13.11 11.58 43.61
CA THR B 49 12.62 12.16 44.88
C THR B 49 12.65 11.11 46.00
N THR B 50 13.06 9.87 45.73
CA THR B 50 13.17 8.80 46.76
C THR B 50 14.65 8.47 47.09
N GLY B 51 15.58 9.31 46.65
CA GLY B 51 17.01 9.11 46.90
C GLY B 51 17.78 8.86 45.63
N GLU B 52 18.53 7.77 45.61
CA GLU B 52 19.40 7.34 44.49
CA GLU B 52 19.38 7.42 44.44
C GLU B 52 18.51 6.54 43.53
N LEU B 53 18.54 6.83 42.23
CA LEU B 53 17.81 6.03 41.22
C LEU B 53 18.44 4.63 41.21
N PRO B 54 17.66 3.54 41.30
CA PRO B 54 18.25 2.19 41.37
C PRO B 54 18.65 1.57 40.02
N VAL B 55 18.46 2.33 38.92
CA VAL B 55 18.81 1.93 37.53
C VAL B 55 19.44 3.12 36.85
N PRO B 56 20.10 2.94 35.69
CA PRO B 56 20.73 4.06 34.98
C PRO B 56 19.67 5.07 34.56
N TRP B 57 19.99 6.36 34.62
CA TRP B 57 19.11 7.43 34.11
C TRP B 57 18.80 7.18 32.63
N SER B 58 19.81 6.86 31.82
CA SER B 58 19.63 6.65 30.35
C SER B 58 18.59 5.54 30.12
N SER B 59 18.50 4.55 31.02
CA SER B 59 17.58 3.40 30.86
C SER B 59 16.12 3.87 30.89
N ILE B 60 15.83 5.00 31.56
CA ILE B 60 14.41 5.50 31.73
C ILE B 60 14.18 6.76 30.93
N LEU B 61 15.12 7.19 30.08
CA LEU B 61 15.00 8.45 29.29
C LEU B 61 13.72 8.41 28.45
N THR B 62 13.50 7.33 27.68
CA THR B 62 12.35 7.21 26.76
C THR B 62 11.05 7.19 27.56
N THR B 63 11.05 6.63 28.78
CA THR B 63 9.84 6.52 29.62
C THR B 63 9.39 7.92 30.11
N VAL B 64 10.34 8.80 30.43
CA VAL B 64 10.04 10.15 30.97
C VAL B 64 10.00 11.17 29.83
N1 CRO B 65 10.75 11.01 28.53
CA1 CRO B 65 10.45 11.81 27.34
CB1 CRO B 65 11.64 12.72 27.12
CG1 CRO B 65 11.78 13.76 28.23
OG1 CRO B 65 12.82 11.93 27.07
C1 CRO B 65 10.16 10.84 26.22
N2 CRO B 65 11.10 10.48 25.28
N3 CRO B 65 8.96 10.21 26.03
C2 CRO B 65 9.13 9.45 24.98
O2 CRO B 65 8.23 8.68 24.46
CA2 CRO B 65 10.51 9.59 24.52
CA3 CRO B 65 7.72 10.32 26.80
C3 CRO B 65 6.72 11.35 26.23
O3 CRO B 65 5.55 11.26 26.68
CB2 CRO B 65 11.15 8.95 23.37
CG2 CRO B 65 12.52 9.06 22.85
CD1 CRO B 65 12.80 8.20 21.79
CD2 CRO B 65 13.50 9.90 23.35
CE1 CRO B 65 14.06 8.15 21.26
CE2 CRO B 65 14.78 9.87 22.79
CZ CRO B 65 15.05 8.98 21.75
OH CRO B 65 16.25 8.94 21.18
N ALA B 66 7.03 12.41 25.58
CA ALA B 66 6.06 13.45 25.12
C ALA B 66 6.21 13.64 23.60
N GLN B 67 5.76 12.63 22.85
CA GLN B 67 5.87 12.56 21.36
C GLN B 67 5.06 13.71 20.74
N CYS B 68 4.06 14.23 21.46
CA CYS B 68 3.23 15.36 21.00
C CYS B 68 4.10 16.60 20.71
N PHE B 69 5.29 16.70 21.28
CA PHE B 69 6.17 17.89 21.08
C PHE B 69 6.99 17.77 19.79
N ALA B 70 6.96 16.62 19.11
CA ALA B 70 7.77 16.38 17.89
C ALA B 70 7.34 17.41 16.84
N LYS B 71 8.30 17.88 16.05
CA LYS B 71 8.02 18.79 14.91
C LYS B 71 7.44 17.97 13.76
N TYR B 72 6.19 18.22 13.41
CA TYR B 72 5.43 17.48 12.36
C TYR B 72 5.23 18.42 11.19
N PRO B 73 5.49 17.98 9.93
CA PRO B 73 5.11 18.77 8.76
C PRO B 73 3.60 18.63 8.54
N ASN B 74 3.04 19.44 7.62
CA ASN B 74 1.58 19.49 7.33
C ASN B 74 1.10 18.15 6.74
N ASP B 75 1.96 17.44 6.02
CA ASP B 75 1.53 16.29 5.18
C ASP B 75 1.80 14.97 5.90
N ILE B 76 1.98 14.95 7.22
CA ILE B 76 1.92 13.69 8.02
C ILE B 76 0.98 13.93 9.19
N LYS B 77 0.01 13.05 9.37
CA LYS B 77 -0.93 13.15 10.51
C LYS B 77 -0.13 13.00 11.81
N ASP B 78 -0.49 13.82 12.78
CA ASP B 78 0.16 13.97 14.10
C ASP B 78 -0.77 13.34 15.15
N TYR B 79 -0.63 12.03 15.39
CA TYR B 79 -1.59 11.26 16.21
C TYR B 79 -1.63 11.82 17.64
N PRO B 80 -0.47 11.94 18.33
CA PRO B 80 -0.43 12.47 19.69
C PRO B 80 -1.08 13.86 19.84
N LYS B 81 -0.78 14.82 18.98
CA LYS B 81 -1.43 16.17 19.11
C LYS B 81 -2.94 16.01 18.85
N SER B 82 -3.37 15.13 17.96
CA SER B 82 -4.80 14.95 17.61
C SER B 82 -5.56 14.39 18.81
N ALA B 83 -4.89 13.59 19.66
CA ALA B 83 -5.49 12.95 20.85
C ALA B 83 -5.66 13.98 21.97
N MET B 84 -5.03 15.15 21.83
CA MET B 84 -5.06 16.24 22.83
C MET B 84 -6.30 17.09 22.57
N PRO B 85 -6.88 17.77 23.60
CA PRO B 85 -6.32 17.78 24.97
C PRO B 85 -6.69 16.65 25.93
N GLU B 86 -7.68 15.82 25.64
CA GLU B 86 -8.06 14.69 26.53
C GLU B 86 -6.82 13.80 26.71
N GLY B 87 -6.00 13.69 25.66
CA GLY B 87 -4.69 13.02 25.75
C GLY B 87 -4.70 11.58 25.27
N TYR B 88 -3.64 10.84 25.57
CA TYR B 88 -3.42 9.47 25.05
C TYR B 88 -2.67 8.61 26.07
N VAL B 89 -2.87 7.31 25.94
CA VAL B 89 -2.12 6.27 26.71
C VAL B 89 -0.91 5.85 25.87
N GLN B 90 0.27 5.81 26.48
CA GLN B 90 1.52 5.35 25.83
C GLN B 90 1.99 4.14 26.65
N GLU B 91 1.96 2.96 26.05
CA GLU B 91 2.38 1.69 26.68
C GLU B 91 3.65 1.23 25.96
N ARG B 92 4.63 0.72 26.69
CA ARG B 92 5.87 0.20 26.07
C ARG B 92 6.26 -1.10 26.73
N THR B 93 6.83 -1.98 25.94
CA THR B 93 7.73 -3.04 26.41
C THR B 93 9.13 -2.67 25.92
N ILE B 94 10.06 -2.56 26.87
CA ILE B 94 11.49 -2.28 26.61
C ILE B 94 12.27 -3.49 27.08
N THR B 95 12.94 -4.19 26.16
CA THR B 95 13.72 -5.41 26.49
C THR B 95 15.20 -5.09 26.21
N PHE B 96 16.02 -5.22 27.25
CA PHE B 96 17.46 -4.88 27.25
C PHE B 96 18.23 -6.14 26.84
N GLU B 97 19.16 -5.95 25.91
CA GLU B 97 20.07 -7.01 25.41
C GLU B 97 20.61 -7.82 26.61
N ASN B 98 20.42 -9.13 26.62
CA ASN B 98 20.93 -10.07 27.66
C ASN B 98 20.43 -9.69 29.05
N ASP B 99 19.33 -8.96 29.18
CA ASP B 99 18.86 -8.49 30.51
C ASP B 99 17.33 -8.45 30.53
N GLY B 100 16.74 -7.76 31.49
CA GLY B 100 15.29 -7.80 31.77
C GLY B 100 14.49 -6.87 30.86
N VAL B 101 13.24 -6.64 31.26
CA VAL B 101 12.26 -5.82 30.50
C VAL B 101 11.62 -4.79 31.43
N TYR B 102 11.45 -3.57 30.93
CA TYR B 102 10.54 -2.55 31.51
C TYR B 102 9.21 -2.65 30.75
N LYS B 103 8.10 -2.75 31.50
CA LYS B 103 6.73 -2.51 31.01
C LYS B 103 6.32 -1.15 31.58
N THR B 104 5.88 -0.23 30.72
CA THR B 104 5.49 1.14 31.11
C THR B 104 4.09 1.45 30.61
N ARG B 105 3.35 2.23 31.39
CA ARG B 105 2.02 2.76 31.00
C ARG B 105 2.01 4.22 31.38
N ALA B 106 1.86 5.10 30.40
CA ALA B 106 1.81 6.56 30.60
C ALA B 106 0.44 7.08 30.18
N GLU B 107 -0.02 8.15 30.83
CA GLU B 107 -1.15 8.98 30.37
C GLU B 107 -0.57 10.37 30.13
N VAL B 108 -0.58 10.80 28.88
CA VAL B 108 -0.08 12.14 28.47
C VAL B 108 -1.31 13.01 28.20
N THR B 109 -1.51 14.07 28.99
CA THR B 109 -2.74 14.91 28.96
C THR B 109 -2.33 16.37 28.88
N TYR B 110 -3.24 17.24 28.48
CA TYR B 110 -3.07 18.71 28.50
C TYR B 110 -4.03 19.28 29.55
N GLU B 111 -3.47 19.86 30.61
CA GLU B 111 -4.17 20.44 31.80
C GLU B 111 -3.56 21.81 32.10
N LYS B 112 -4.40 22.85 32.18
CA LYS B 112 -4.01 24.17 32.71
C LYS B 112 -2.74 24.66 31.98
N GLY B 113 -2.75 24.56 30.65
CA GLY B 113 -1.71 25.17 29.80
C GLY B 113 -0.44 24.32 29.71
N SER B 114 -0.44 23.12 30.31
CA SER B 114 0.75 22.26 30.51
C SER B 114 0.49 20.83 29.98
N VAL B 115 1.52 20.17 29.46
CA VAL B 115 1.46 18.72 29.11
C VAL B 115 1.94 17.90 30.32
N TYR B 116 1.16 16.93 30.77
CA TYR B 116 1.51 16.03 31.90
C TYR B 116 1.79 14.64 31.35
N ASN B 117 2.90 14.04 31.78
CA ASN B 117 3.30 12.64 31.46
C ASN B 117 3.30 11.92 32.80
N ARG B 118 2.20 11.26 33.16
CA ARG B 118 2.09 10.49 34.42
C ARG B 118 2.29 9.03 34.06
N VAL B 119 3.37 8.42 34.52
CA VAL B 119 3.83 7.12 33.94
C VAL B 119 4.27 6.18 35.06
N THR B 120 3.94 4.93 34.93
CA THR B 120 4.30 3.81 35.82
C THR B 120 5.28 2.92 35.07
N LEU B 121 6.23 2.30 35.79
CA LEU B 121 7.23 1.39 35.19
C LEU B 121 7.38 0.19 36.12
N ASN B 122 7.33 -1.04 35.58
CA ASN B 122 7.72 -2.27 36.30
C ASN B 122 8.86 -2.94 35.53
N GLY B 123 9.90 -3.37 36.24
CA GLY B 123 11.04 -4.08 35.64
C GLY B 123 11.20 -5.44 36.26
N SER B 124 11.44 -6.48 35.44
CA SER B 124 11.73 -7.84 35.92
C SER B 124 12.59 -8.59 34.90
N GLY B 125 13.17 -9.73 35.30
CA GLY B 125 14.08 -10.56 34.51
C GLY B 125 15.49 -9.97 34.43
N PHE B 126 15.80 -8.96 35.25
CA PHE B 126 17.14 -8.33 35.28
C PHE B 126 18.13 -9.21 36.06
N LYS B 127 19.40 -9.23 35.59
CA LYS B 127 20.53 -9.98 36.18
C LYS B 127 21.18 -9.11 37.27
N LYS B 128 21.51 -9.72 38.41
N LYS B 128 21.41 -9.75 38.43
CA LYS B 128 22.24 -9.12 39.57
CA LYS B 128 22.37 -9.32 39.47
C LYS B 128 23.30 -8.06 39.15
C LYS B 128 23.72 -9.15 38.76
N GLY B 129 24.47 -8.42 38.58
N GLY B 129 24.28 -7.93 38.80
CA GLY B 129 25.57 -7.49 38.28
CA GLY B 129 25.60 -7.58 38.26
C GLY B 129 25.60 -7.20 36.79
C GLY B 129 25.60 -7.22 36.79
N GLY B 130 24.43 -7.11 36.15
CA GLY B 130 24.30 -6.70 34.74
C GLY B 130 24.32 -5.20 34.62
N ASN B 131 24.19 -4.71 33.40
CA ASN B 131 24.36 -3.28 33.05
C ASN B 131 23.28 -2.43 33.71
N ILE B 132 22.16 -3.01 34.11
CA ILE B 132 21.01 -2.20 34.62
C ILE B 132 21.06 -2.19 36.15
N LEU B 133 21.02 -3.35 36.80
CA LEU B 133 21.00 -3.42 38.29
C LEU B 133 22.38 -2.98 38.82
N GLY B 134 23.45 -3.26 38.07
CA GLY B 134 24.83 -2.81 38.37
C GLY B 134 25.08 -1.35 38.01
N LYS B 135 24.12 -0.66 37.41
CA LYS B 135 24.25 0.73 36.92
C LYS B 135 25.59 0.93 36.19
N LYS B 136 25.80 0.20 35.10
CA LYS B 136 27.08 0.24 34.32
C LYS B 136 26.89 0.97 32.99
N LEU B 137 25.75 1.62 32.79
CA LEU B 137 25.49 2.43 31.55
C LEU B 137 26.07 3.82 31.77
N GLU B 138 26.71 4.40 30.76
CA GLU B 138 27.19 5.80 30.82
C GLU B 138 25.99 6.73 30.98
N PHE B 139 26.21 7.86 31.63
CA PHE B 139 25.27 9.00 31.68
C PHE B 139 25.47 9.80 30.39
N ASN B 140 24.91 9.29 29.30
CA ASN B 140 24.82 10.02 28.00
C ASN B 140 23.72 9.34 27.16
N TYR B 141 23.52 9.84 25.96
CA TYR B 141 22.46 9.34 25.06
C TYR B 141 22.90 9.51 23.62
N ASN B 142 22.31 8.68 22.78
CA ASN B 142 22.57 8.58 21.33
C ASN B 142 21.32 9.08 20.61
N PRO B 143 21.46 9.54 19.35
CA PRO B 143 20.30 9.84 18.51
C PRO B 143 19.68 8.52 18.01
N HIS B 144 18.40 8.56 17.68
CA HIS B 144 17.63 7.34 17.32
C HIS B 144 16.61 7.65 16.22
N CYS B 145 16.07 6.59 15.63
CA CYS B 145 14.99 6.65 14.64
C CYS B 145 13.76 5.90 15.18
N ILE B 146 12.68 6.64 15.40
CA ILE B 146 11.39 6.06 15.85
C ILE B 146 10.59 5.70 14.60
N TYR B 147 10.09 4.47 14.54
CA TYR B 147 9.11 4.03 13.51
C TYR B 147 7.70 4.30 14.06
N VAL B 148 6.89 5.00 13.28
CA VAL B 148 5.45 5.24 13.58
C VAL B 148 4.64 4.55 12.48
N LEU B 149 3.80 3.59 12.90
CA LEU B 149 2.92 2.78 12.02
C LEU B 149 1.49 3.05 12.42
N PRO B 150 0.53 3.12 11.46
CA PRO B 150 -0.89 3.14 11.81
C PRO B 150 -1.29 1.84 12.55
N ASP B 151 -2.19 1.95 13.52
CA ASP B 151 -2.86 0.79 14.16
C ASP B 151 -4.35 1.09 14.32
N VAL B 152 -5.08 1.04 13.20
CA VAL B 152 -6.51 1.42 13.10
C VAL B 152 -7.34 0.49 14.00
N GLN B 153 -6.98 -0.78 14.09
CA GLN B 153 -7.64 -1.81 14.94
C GLN B 153 -7.75 -1.27 16.39
N ASN B 154 -6.78 -0.47 16.85
CA ASN B 154 -6.69 0.03 18.25
C ASN B 154 -6.99 1.54 18.28
N ASN B 155 -7.44 2.12 17.18
CA ASN B 155 -7.68 3.58 17.09
C ASN B 155 -6.40 4.35 17.49
N GLY B 156 -5.23 3.88 17.05
CA GLY B 156 -3.96 4.51 17.46
C GLY B 156 -2.78 4.29 16.52
N ILE B 157 -1.58 4.35 17.10
CA ILE B 157 -0.29 4.09 16.41
C ILE B 157 0.50 3.06 17.22
N LYS B 158 1.24 2.22 16.52
CA LYS B 158 2.27 1.34 17.12
C LYS B 158 3.62 1.89 16.65
N CYS B 159 4.58 1.98 17.56
CA CYS B 159 5.91 2.57 17.28
C CYS B 159 6.97 1.55 17.68
N TYR B 160 8.10 1.57 16.98
CA TYR B 160 9.25 0.69 17.28
C TYR B 160 10.51 1.56 17.31
N ILE B 161 11.38 1.30 18.27
CA ILE B 161 12.68 2.01 18.45
C ILE B 161 13.70 0.99 18.96
N ASN B 162 14.90 1.03 18.39
CA ASN B 162 16.11 0.48 19.06
C ASN B 162 16.81 1.66 19.73
N ILE B 163 17.08 1.53 21.02
CA ILE B 163 17.90 2.51 21.78
C ILE B 163 19.28 1.88 21.98
N VAL B 164 20.31 2.67 21.64
CA VAL B 164 21.74 2.31 21.84
C VAL B 164 22.20 2.97 23.14
N HIS B 165 22.52 2.14 24.14
CA HIS B 165 23.05 2.57 25.46
C HIS B 165 24.56 2.33 25.46
N ASP B 166 25.35 3.39 25.65
CA ASP B 166 26.81 3.27 25.85
C ASP B 166 27.09 2.68 27.23
N VAL B 167 27.92 1.65 27.30
CA VAL B 167 28.36 0.97 28.55
C VAL B 167 29.68 1.62 29.01
N ILE B 168 29.81 1.84 30.32
CA ILE B 168 31.05 2.34 30.95
C ILE B 168 32.21 1.42 30.55
N GLY B 169 33.29 2.05 30.05
CA GLY B 169 34.56 1.38 29.72
C GLY B 169 34.53 0.80 28.33
N GLY B 170 33.56 1.21 27.51
CA GLY B 170 33.43 0.81 26.09
C GLY B 170 32.29 -0.16 25.88
N GLY B 171 31.73 -0.15 24.68
CA GLY B 171 30.69 -1.07 24.22
C GLY B 171 29.30 -0.43 24.29
N GLN B 172 28.35 -1.05 23.62
CA GLN B 172 26.95 -0.56 23.50
C GLN B 172 26.02 -1.76 23.68
N ILE B 173 24.86 -1.55 24.24
CA ILE B 173 23.75 -2.55 24.23
C ILE B 173 22.49 -1.90 23.63
N ILE B 174 21.58 -2.74 23.15
CA ILE B 174 20.29 -2.32 22.54
C ILE B 174 19.18 -2.52 23.59
N ALA B 175 18.34 -1.50 23.74
CA ALA B 175 17.03 -1.59 24.39
C ALA B 175 15.96 -1.51 23.29
N ALA B 176 15.36 -2.65 22.96
CA ALA B 176 14.29 -2.82 21.97
C ALA B 176 12.97 -2.31 22.55
N HIS B 177 12.39 -1.28 21.93
CA HIS B 177 11.13 -0.62 22.35
C HIS B 177 9.98 -1.04 21.42
N GLN B 178 8.91 -1.59 22.00
CA GLN B 178 7.59 -1.77 21.35
C GLN B 178 6.64 -0.81 22.05
N GLN B 179 5.86 -0.05 21.32
CA GLN B 179 5.08 1.08 21.87
C GLN B 179 3.69 1.09 21.21
N LEU B 180 2.67 1.32 22.02
CA LEU B 180 1.27 1.49 21.55
C LEU B 180 0.74 2.80 22.13
N ASN B 181 0.17 3.65 21.28
CA ASN B 181 -0.50 4.91 21.71
C ASN B 181 -1.96 4.78 21.31
N THR B 182 -2.87 4.90 22.29
CA THR B 182 -4.34 4.86 22.12
C THR B 182 -4.95 6.09 22.78
N PRO B 183 -6.18 6.49 22.44
CA PRO B 183 -6.74 7.74 22.94
C PRO B 183 -7.33 7.57 24.36
N LEU B 184 -7.31 8.66 25.13
CA LEU B 184 -8.03 8.79 26.42
C LEU B 184 -9.40 9.39 26.14
N GLY B 185 -9.52 10.24 25.12
CA GLY B 185 -10.78 10.89 24.70
C GLY B 185 -11.65 9.98 23.84
N GLY B 186 -12.84 10.49 23.50
CA GLY B 186 -13.76 9.84 22.55
C GLY B 186 -13.74 10.55 21.22
N GLY B 187 -12.94 11.62 21.10
CA GLY B 187 -12.93 12.51 19.94
C GLY B 187 -12.36 11.79 18.73
N PRO B 188 -12.43 12.39 17.52
CA PRO B 188 -11.69 11.87 16.37
C PRO B 188 -10.17 12.03 16.57
N VAL B 189 -9.40 11.04 16.11
CA VAL B 189 -7.91 11.05 16.11
C VAL B 189 -7.40 10.97 14.66
N ASP B 190 -6.19 11.50 14.40
CA ASP B 190 -5.55 11.47 13.05
C ASP B 190 -4.50 10.35 13.05
N ILE B 191 -4.76 9.25 12.32
CA ILE B 191 -3.86 8.06 12.26
C ILE B 191 -3.04 8.16 10.98
N PRO B 192 -1.70 8.31 11.09
CA PRO B 192 -0.84 8.59 9.94
C PRO B 192 -0.39 7.35 9.15
N HIS B 193 0.10 7.59 7.95
CA HIS B 193 0.87 6.57 7.20
C HIS B 193 2.20 6.34 7.93
N TYR B 194 2.84 5.21 7.67
CA TYR B 194 4.18 4.86 8.19
C TYR B 194 5.19 5.95 7.86
N HIS B 195 5.89 6.42 8.90
CA HIS B 195 6.93 7.49 8.79
C HIS B 195 7.91 7.34 9.97
N HIS B 196 8.93 8.18 10.00
CA HIS B 196 9.98 8.17 11.04
C HIS B 196 9.93 9.46 11.87
N ILE B 197 10.39 9.36 13.11
CA ILE B 197 10.76 10.52 13.96
C ILE B 197 12.24 10.37 14.28
N GLN B 198 13.03 11.35 13.82
CA GLN B 198 14.45 11.52 14.18
C GLN B 198 14.49 12.09 15.60
N ALA B 199 15.28 11.45 16.48
CA ALA B 199 15.43 11.82 17.90
C ALA B 199 16.91 12.10 18.18
N HIS B 200 17.20 13.19 18.89
CA HIS B 200 18.54 13.61 19.34
C HIS B 200 18.40 14.08 20.79
N THR B 201 19.29 13.67 21.68
CA THR B 201 19.14 13.83 23.14
C THR B 201 20.53 14.07 23.73
N ILE B 202 20.70 15.19 24.44
CA ILE B 202 21.90 15.47 25.28
C ILE B 202 21.48 15.43 26.74
N LEU B 203 22.10 14.54 27.51
CA LEU B 203 21.96 14.45 29.00
C LEU B 203 23.06 15.32 29.64
N SER B 204 22.77 15.96 30.76
CA SER B 204 23.72 16.79 31.53
C SER B 204 23.38 16.72 33.02
N LYS B 205 24.33 17.11 33.88
CA LYS B 205 24.11 17.34 35.32
C LYS B 205 24.26 18.83 35.57
N ASP B 206 23.55 19.32 36.59
CA ASP B 206 23.79 20.62 37.25
C ASP B 206 24.82 20.39 38.36
N PRO B 207 26.01 21.04 38.29
CA PRO B 207 27.01 20.88 39.33
C PRO B 207 26.54 21.35 40.72
N LYS B 208 25.56 22.25 40.78
CA LYS B 208 25.03 22.83 42.05
C LYS B 208 23.90 21.96 42.62
N GLU B 209 23.43 20.95 41.88
CA GLU B 209 22.28 20.09 42.30
C GLU B 209 22.81 18.91 43.11
N THR B 210 22.34 18.73 44.35
CA THR B 210 22.84 17.67 45.27
C THR B 210 21.99 16.40 45.17
N ARG B 211 20.74 16.47 44.69
CA ARG B 211 19.89 15.26 44.53
C ARG B 211 20.29 14.51 43.25
N ASP B 212 20.00 13.20 43.20
CA ASP B 212 20.18 12.36 41.99
C ASP B 212 19.25 12.93 40.92
N HIS B 213 19.79 13.27 39.75
CA HIS B 213 19.08 14.10 38.73
C HIS B 213 19.61 13.84 37.33
N MET B 214 18.84 14.29 36.35
CA MET B 214 19.14 14.22 34.88
C MET B 214 18.49 15.43 34.22
N ASN B 215 19.29 16.23 33.54
CA ASN B 215 18.81 17.32 32.66
C ASN B 215 18.94 16.83 31.22
N VAL B 216 18.09 17.36 30.37
CA VAL B 216 17.70 16.77 29.07
C VAL B 216 17.48 17.93 28.09
N VAL B 217 18.14 17.89 26.95
CA VAL B 217 17.81 18.71 25.76
C VAL B 217 17.61 17.74 24.59
N GLU B 218 16.43 17.79 23.99
CA GLU B 218 15.97 16.80 22.97
C GLU B 218 15.45 17.53 21.74
N VAL B 219 15.62 16.93 20.56
CA VAL B 219 14.96 17.37 19.30
C VAL B 219 14.32 16.13 18.65
N PHE B 220 13.03 16.24 18.35
CA PHE B 220 12.21 15.23 17.62
C PHE B 220 11.66 15.88 16.36
N ARG B 221 11.99 15.31 15.21
CA ARG B 221 11.47 15.78 13.90
C ARG B 221 10.88 14.59 13.15
N ALA B 222 9.60 14.69 12.81
CA ALA B 222 8.90 13.72 11.95
C ALA B 222 9.45 13.89 10.53
N ILE B 223 9.74 12.77 9.86
CA ILE B 223 10.23 12.76 8.46
CA ILE B 223 10.24 12.76 8.46
C ILE B 223 9.34 11.82 7.64
N ASP B 224 8.91 12.30 6.46
CA ASP B 224 8.17 11.51 5.47
C ASP B 224 9.19 10.69 4.68
N CYS B 225 9.67 9.59 5.27
CA CYS B 225 10.81 8.79 4.75
C CYS B 225 10.49 8.23 3.37
N LYS B 226 9.21 7.97 3.06
CA LYS B 226 8.78 7.49 1.72
C LYS B 226 9.24 8.51 0.66
N THR B 227 9.30 9.79 1.00
CA THR B 227 9.77 10.86 0.08
C THR B 227 11.24 11.18 0.36
N ALA B 228 11.60 11.50 1.61
CA ALA B 228 12.92 12.08 1.99
C ALA B 228 14.06 11.10 1.69
N TYR B 229 13.87 9.79 1.81
CA TYR B 229 14.96 8.78 1.63
C TYR B 229 15.06 8.35 0.14
N ALA B 230 14.13 8.80 -0.70
CA ALA B 230 14.06 8.39 -2.13
C ALA B 230 15.22 9.02 -2.90
N LEU C 7 -0.08 16.43 -34.77
CA LEU C 7 -0.30 17.29 -33.57
C LEU C 7 0.10 16.53 -32.31
N PHE C 8 -0.11 15.20 -32.29
CA PHE C 8 0.19 14.28 -31.16
C PHE C 8 1.32 13.30 -31.54
N ARG C 9 2.01 13.56 -32.66
CA ARG C 9 3.20 12.77 -33.06
C ARG C 9 4.38 13.13 -32.14
N GLU C 10 4.38 14.28 -31.46
CA GLU C 10 5.45 14.64 -30.48
C GLU C 10 4.88 14.76 -29.05
N LYS C 11 5.78 14.59 -28.08
CA LYS C 11 5.62 15.06 -26.67
C LYS C 11 5.19 16.54 -26.70
N ILE C 12 4.12 16.90 -26.00
CA ILE C 12 3.68 18.32 -25.96
CA ILE C 12 3.50 18.27 -25.98
C ILE C 12 3.33 18.72 -24.54
N PRO C 13 3.51 20.02 -24.20
CA PRO C 13 3.20 20.53 -22.86
C PRO C 13 1.74 20.31 -22.46
N TYR C 14 1.53 20.11 -21.16
CA TYR C 14 0.21 19.95 -20.52
C TYR C 14 0.12 20.96 -19.37
N VAL C 15 -0.93 21.76 -19.36
CA VAL C 15 -1.23 22.80 -18.33
C VAL C 15 -2.58 22.47 -17.72
N VAL C 16 -2.69 22.54 -16.40
CA VAL C 16 -3.97 22.32 -15.67
C VAL C 16 -4.25 23.55 -14.83
N GLU C 17 -5.45 24.10 -14.98
CA GLU C 17 -6.03 25.13 -14.08
C GLU C 17 -7.32 24.54 -13.54
N MET C 18 -7.34 24.23 -12.25
CA MET C 18 -8.52 23.68 -11.55
C MET C 18 -9.00 24.67 -10.47
N GLU C 19 -10.32 24.88 -10.41
CA GLU C 19 -10.99 25.57 -9.27
C GLU C 19 -11.89 24.53 -8.61
N GLY C 20 -11.79 24.37 -7.30
CA GLY C 20 -12.56 23.38 -6.53
C GLY C 20 -13.39 24.06 -5.45
N ASP C 21 -14.50 23.46 -5.08
CA ASP C 21 -15.36 23.88 -3.94
C ASP C 21 -16.00 22.60 -3.38
N VAL C 22 -15.54 22.16 -2.23
CA VAL C 22 -16.04 20.94 -1.56
C VAL C 22 -16.60 21.38 -0.21
N GLU C 23 -17.91 21.21 -0.02
CA GLU C 23 -18.62 21.59 1.23
C GLU C 23 -18.25 23.02 1.63
N GLY C 24 -18.07 23.93 0.66
CA GLY C 24 -17.82 25.37 0.91
C GLY C 24 -16.33 25.73 0.95
N MET C 25 -15.45 24.73 1.07
CA MET C 25 -13.98 24.93 1.09
C MET C 25 -13.48 25.11 -0.35
N LYS C 26 -13.21 26.35 -0.75
CA LYS C 26 -12.69 26.69 -2.09
CA LYS C 26 -12.68 26.71 -2.09
C LYS C 26 -11.20 26.36 -2.13
N PHE C 27 -10.70 25.92 -3.28
CA PHE C 27 -9.24 25.68 -3.47
C PHE C 27 -8.94 25.83 -4.95
N SER C 28 -7.68 26.10 -5.27
CA SER C 28 -7.15 26.16 -6.64
C SER C 28 -5.96 25.19 -6.76
N VAL C 29 -5.86 24.48 -7.87
CA VAL C 29 -4.71 23.61 -8.19
C VAL C 29 -4.19 24.04 -9.55
N ARG C 30 -2.87 24.13 -9.70
CA ARG C 30 -2.20 24.45 -10.98
C ARG C 30 -1.25 23.30 -11.24
N GLY C 31 -1.17 22.85 -12.49
CA GLY C 31 -0.24 21.79 -12.90
C GLY C 31 0.46 22.18 -14.19
N LYS C 32 1.65 21.64 -14.39
CA LYS C 32 2.43 21.71 -15.64
C LYS C 32 3.08 20.35 -15.81
N GLY C 33 3.19 19.90 -17.05
CA GLY C 33 3.90 18.67 -17.41
C GLY C 33 3.94 18.51 -18.91
N HIS C 34 4.03 17.28 -19.38
CA HIS C 34 3.96 16.93 -20.81
C HIS C 34 3.15 15.63 -20.95
N GLY C 35 2.55 15.43 -22.12
CA GLY C 35 1.99 14.13 -22.53
C GLY C 35 2.62 13.67 -23.82
N ASP C 36 2.79 12.37 -23.97
CA ASP C 36 3.33 11.75 -25.20
C ASP C 36 2.36 10.63 -25.63
N ALA C 37 1.53 10.93 -26.63
CA ALA C 37 0.48 10.02 -27.15
C ALA C 37 1.09 8.84 -27.89
N ASN C 38 2.38 8.91 -28.24
CA ASN C 38 3.14 7.77 -28.83
C ASN C 38 3.25 6.65 -27.81
N THR C 39 3.41 6.99 -26.53
CA THR C 39 3.65 6.03 -25.40
C THR C 39 2.43 6.00 -24.45
N GLY C 40 1.58 7.03 -24.48
CA GLY C 40 0.45 7.19 -23.57
C GLY C 40 0.87 7.73 -22.21
N LYS C 41 2.08 8.29 -22.11
CA LYS C 41 2.71 8.69 -20.82
C LYS C 41 2.37 10.16 -20.54
N ILE C 42 1.91 10.45 -19.32
CA ILE C 42 1.78 11.84 -18.80
C ILE C 42 2.68 11.96 -17.56
N GLU C 43 3.50 13.01 -17.52
CA GLU C 43 4.30 13.42 -16.33
C GLU C 43 3.91 14.86 -16.04
N ALA C 44 3.41 15.13 -14.86
CA ALA C 44 2.93 16.49 -14.48
C ALA C 44 3.12 16.70 -12.97
N SER C 45 3.32 17.96 -12.58
CA SER C 45 3.46 18.41 -11.18
C SER C 45 2.26 19.30 -10.86
N PHE C 46 1.59 19.03 -9.74
CA PHE C 46 0.41 19.81 -9.29
C PHE C 46 0.76 20.47 -7.95
N ILE C 47 0.35 21.72 -7.80
CA ILE C 47 0.50 22.48 -6.52
C ILE C 47 -0.90 22.97 -6.17
N CYS C 48 -1.28 22.87 -4.91
CA CYS C 48 -2.42 23.64 -4.38
C CYS C 48 -1.93 25.06 -4.10
N THR C 49 -2.42 26.05 -4.84
CA THR C 49 -1.97 27.46 -4.77
C THR C 49 -2.75 28.24 -3.70
N THR C 50 -3.72 27.63 -3.02
CA THR C 50 -4.51 28.29 -1.95
C THR C 50 -4.14 27.74 -0.55
N GLY C 51 -3.07 26.97 -0.44
CA GLY C 51 -2.63 26.42 0.84
C GLY C 51 -2.65 24.91 0.81
N GLU C 52 -3.26 24.32 1.82
CA GLU C 52 -3.42 22.86 2.01
CA GLU C 52 -3.38 22.84 1.95
C GLU C 52 -4.65 22.43 1.19
N LEU C 53 -4.54 21.39 0.38
CA LEU C 53 -5.71 20.80 -0.31
C LEU C 53 -6.69 20.29 0.75
N PRO C 54 -8.00 20.64 0.68
CA PRO C 54 -8.95 20.21 1.71
C PRO C 54 -9.48 18.78 1.57
N VAL C 55 -9.03 18.06 0.53
CA VAL C 55 -9.43 16.66 0.21
C VAL C 55 -8.18 15.90 -0.19
N PRO C 56 -8.19 14.56 -0.20
CA PRO C 56 -7.00 13.79 -0.57
C PRO C 56 -6.61 14.10 -2.02
N TRP C 57 -5.30 14.16 -2.30
CA TRP C 57 -4.81 14.37 -3.69
C TRP C 57 -5.34 13.26 -4.60
N SER C 58 -5.29 12.00 -4.16
CA SER C 58 -5.74 10.84 -4.96
C SER C 58 -7.21 11.04 -5.40
N SER C 59 -8.02 11.71 -4.58
CA SER C 59 -9.46 11.91 -4.86
C SER C 59 -9.64 12.80 -6.10
N ILE C 60 -8.68 13.66 -6.42
CA ILE C 60 -8.80 14.60 -7.57
C ILE C 60 -7.86 14.22 -8.73
N LEU C 61 -7.18 13.07 -8.66
CA LEU C 61 -6.24 12.62 -9.71
C LEU C 61 -6.96 12.57 -11.06
N THR C 62 -8.13 11.89 -11.13
CA THR C 62 -8.86 11.70 -12.41
C THR C 62 -9.31 13.06 -12.96
N THR C 63 -9.64 14.00 -12.09
CA THR C 63 -10.13 15.34 -12.51
C THR C 63 -9.01 16.15 -13.18
N VAL C 64 -7.77 16.04 -12.70
CA VAL C 64 -6.61 16.85 -13.21
C VAL C 64 -5.87 16.04 -14.27
N1 CRO C 65 -6.00 14.43 -14.21
CA1 CRO C 65 -5.50 13.82 -15.45
CB1 CRO C 65 -4.16 13.16 -15.23
CG1 CRO C 65 -3.09 14.20 -14.93
OG1 CRO C 65 -4.33 12.30 -14.12
C1 CRO C 65 -6.55 12.86 -15.88
N2 CRO C 65 -6.62 11.51 -15.53
N3 CRO C 65 -7.61 13.29 -16.62
C2 CRO C 65 -8.38 12.23 -16.75
O2 CRO C 65 -9.50 12.21 -17.40
CA2 CRO C 65 -7.77 11.07 -16.06
CA3 CRO C 65 -7.88 14.64 -17.09
C3 CRO C 65 -7.56 14.88 -18.53
O3 CRO C 65 -8.22 15.85 -19.04
CB2 CRO C 65 -8.28 9.68 -16.03
CG2 CRO C 65 -7.69 8.56 -15.29
CD1 CRO C 65 -8.45 7.41 -15.23
CD2 CRO C 65 -6.52 8.61 -14.54
CE1 CRO C 65 -8.07 6.31 -14.48
CE2 CRO C 65 -6.10 7.51 -13.81
CZ CRO C 65 -6.88 6.35 -13.78
OH CRO C 65 -6.48 5.24 -13.14
N ALA C 66 -6.62 14.17 -19.10
CA ALA C 66 -6.26 14.46 -20.57
C ALA C 66 -6.17 13.15 -21.35
N GLN C 67 -7.35 12.58 -21.63
CA GLN C 67 -7.56 11.28 -22.32
C GLN C 67 -6.98 11.34 -23.73
N CYS C 68 -6.83 12.53 -24.31
CA CYS C 68 -6.22 12.72 -25.65
C CYS C 68 -4.79 12.16 -25.69
N PHE C 69 -4.11 12.05 -24.55
CA PHE C 69 -2.71 11.58 -24.50
C PHE C 69 -2.62 10.06 -24.49
N ALA C 70 -3.75 9.35 -24.40
CA ALA C 70 -3.76 7.86 -24.37
C ALA C 70 -3.16 7.34 -25.67
N LYS C 71 -2.46 6.21 -25.58
CA LYS C 71 -1.88 5.52 -26.75
C LYS C 71 -3.00 4.76 -27.44
N TYR C 72 -3.34 5.17 -28.67
CA TYR C 72 -4.46 4.58 -29.47
C TYR C 72 -3.84 3.79 -30.61
N PRO C 73 -4.28 2.54 -30.85
CA PRO C 73 -3.89 1.82 -32.04
C PRO C 73 -4.70 2.38 -33.23
N ASN C 74 -4.35 1.96 -34.45
CA ASN C 74 -4.98 2.46 -35.70
C ASN C 74 -6.43 1.98 -35.80
N ASP C 75 -6.79 0.85 -35.20
CA ASP C 75 -8.12 0.23 -35.44
C ASP C 75 -9.11 0.60 -34.34
N ILE C 76 -8.87 1.66 -33.55
CA ILE C 76 -9.91 2.22 -32.65
C ILE C 76 -9.93 3.74 -32.85
N LYS C 77 -11.10 4.29 -33.09
CA LYS C 77 -11.25 5.75 -33.24
C LYS C 77 -10.87 6.41 -31.90
N ASP C 78 -10.19 7.53 -32.03
CA ASP C 78 -9.63 8.34 -30.93
C ASP C 78 -10.44 9.63 -30.84
N TYR C 79 -11.51 9.61 -30.06
CA TYR C 79 -12.50 10.72 -30.01
C TYR C 79 -11.83 12.00 -29.52
N PRO C 80 -11.14 11.97 -28.35
CA PRO C 80 -10.51 13.18 -27.81
C PRO C 80 -9.51 13.81 -28.80
N LYS C 81 -8.63 13.06 -29.44
CA LYS C 81 -7.68 13.67 -30.41
C LYS C 81 -8.47 14.25 -31.59
N SER C 82 -9.56 13.60 -32.01
CA SER C 82 -10.37 14.06 -33.17
C SER C 82 -11.02 15.42 -32.86
N ALA C 83 -11.35 15.67 -31.60
CA ALA C 83 -12.01 16.91 -31.13
C ALA C 83 -11.00 18.06 -31.08
N MET C 84 -9.71 17.76 -31.15
CA MET C 84 -8.62 18.75 -31.11
C MET C 84 -8.39 19.30 -32.51
N PRO C 85 -7.86 20.53 -32.68
CA PRO C 85 -7.46 21.41 -31.56
C PRO C 85 -8.53 22.26 -30.86
N GLU C 86 -9.71 22.44 -31.43
CA GLU C 86 -10.77 23.26 -30.78
C GLU C 86 -11.08 22.65 -29.41
N GLY C 87 -10.96 21.33 -29.29
CA GLY C 87 -11.02 20.63 -27.99
C GLY C 87 -12.39 20.05 -27.65
N TYR C 88 -12.58 19.66 -26.40
CA TYR C 88 -13.77 18.92 -25.94
C TYR C 88 -14.09 19.27 -24.49
N VAL C 89 -15.36 19.08 -24.12
CA VAL C 89 -15.87 19.17 -22.73
C VAL C 89 -15.82 17.78 -22.11
N GLN C 90 -15.28 17.67 -20.90
CA GLN C 90 -15.27 16.43 -20.11
C GLN C 90 -16.07 16.71 -18.84
N GLU C 91 -17.22 16.07 -18.68
CA GLU C 91 -18.08 16.18 -17.49
C GLU C 91 -18.02 14.85 -16.73
N ARG C 92 -17.94 14.89 -15.41
CA ARG C 92 -17.96 13.64 -14.60
C ARG C 92 -18.86 13.81 -13.38
N THR C 93 -19.48 12.72 -13.01
CA THR C 93 -20.02 12.49 -11.66
C THR C 93 -19.15 11.42 -11.02
N ILE C 94 -18.55 11.75 -9.87
CA ILE C 94 -17.73 10.81 -9.06
C ILE C 94 -18.42 10.63 -7.72
N THR C 95 -18.86 9.42 -7.41
CA THR C 95 -19.56 9.07 -6.16
C THR C 95 -18.67 8.17 -5.32
N PHE C 96 -18.32 8.60 -4.12
CA PHE C 96 -17.37 7.89 -3.23
C PHE C 96 -18.17 6.97 -2.32
N GLU C 97 -17.74 5.72 -2.20
CA GLU C 97 -18.32 4.68 -1.32
C GLU C 97 -18.64 5.31 0.04
N ASN C 98 -19.89 5.25 0.50
CA ASN C 98 -20.34 5.73 1.84
C ASN C 98 -20.01 7.21 2.03
N ASP C 99 -19.84 7.98 0.96
CA ASP C 99 -19.45 9.41 1.10
C ASP C 99 -20.11 10.23 -0.01
N GLY C 100 -19.61 11.44 -0.26
CA GLY C 100 -20.26 12.43 -1.14
C GLY C 100 -19.94 12.23 -2.61
N VAL C 101 -20.19 13.27 -3.40
CA VAL C 101 -20.07 13.29 -4.89
C VAL C 101 -19.25 14.49 -5.34
N TYR C 102 -18.32 14.29 -6.28
CA TYR C 102 -17.72 15.37 -7.08
C TYR C 102 -18.47 15.44 -8.41
N LYS C 103 -18.91 16.63 -8.80
CA LYS C 103 -19.37 16.97 -10.16
C LYS C 103 -18.30 17.85 -10.77
N THR C 104 -17.78 17.50 -11.94
CA THR C 104 -16.67 18.23 -12.59
C THR C 104 -17.05 18.57 -14.02
N ARG C 105 -16.62 19.73 -14.49
CA ARG C 105 -16.75 20.14 -15.91
CA ARG C 105 -16.74 20.15 -15.91
C ARG C 105 -15.38 20.66 -16.33
N ALA C 106 -14.78 20.05 -17.33
CA ALA C 106 -13.47 20.44 -17.90
C ALA C 106 -13.66 20.90 -19.36
N GLU C 107 -12.82 21.82 -19.81
CA GLU C 107 -12.58 22.12 -21.23
C GLU C 107 -11.12 21.76 -21.50
N VAL C 108 -10.89 20.78 -22.34
CA VAL C 108 -9.54 20.36 -22.76
C VAL C 108 -9.32 20.91 -24.18
N THR C 109 -8.35 21.81 -24.36
CA THR C 109 -8.13 22.55 -25.62
C THR C 109 -6.65 22.46 -25.99
N TYR C 110 -6.30 22.78 -27.24
CA TYR C 110 -4.90 23.02 -27.67
C TYR C 110 -4.73 24.52 -27.96
N GLU C 111 -3.89 25.20 -27.17
CA GLU C 111 -3.59 26.65 -27.24
C GLU C 111 -2.09 26.86 -27.00
N LYS C 112 -1.45 27.72 -27.80
CA LYS C 112 -0.08 28.22 -27.53
C LYS C 112 0.86 27.02 -27.30
N GLY C 113 0.77 25.98 -28.14
CA GLY C 113 1.69 24.85 -28.19
C GLY C 113 1.45 23.85 -27.06
N SER C 114 0.39 24.02 -26.28
CA SER C 114 0.07 23.25 -25.05
C SER C 114 -1.35 22.65 -25.10
N VAL C 115 -1.57 21.54 -24.41
CA VAL C 115 -2.93 21.06 -24.02
C VAL C 115 -3.31 21.72 -22.68
N TYR C 116 -4.46 22.37 -22.62
CA TYR C 116 -5.00 22.96 -21.37
C TYR C 116 -6.16 22.09 -20.88
N ASN C 117 -6.14 21.74 -19.59
CA ASN C 117 -7.29 21.14 -18.88
C ASN C 117 -7.77 22.18 -17.87
N ARG C 118 -8.76 23.00 -18.22
CA ARG C 118 -9.36 24.00 -17.31
C ARG C 118 -10.63 23.38 -16.74
N VAL C 119 -10.68 23.14 -15.44
CA VAL C 119 -11.69 22.23 -14.86
C VAL C 119 -12.20 22.82 -13.55
N THR C 120 -13.51 22.71 -13.36
CA THR C 120 -14.21 23.13 -12.13
CA THR C 120 -14.20 23.14 -12.13
C THR C 120 -14.69 21.87 -11.43
N LEU C 121 -14.68 21.86 -10.10
CA LEU C 121 -15.12 20.71 -9.29
C LEU C 121 -15.99 21.24 -8.15
N ASN C 122 -17.16 20.66 -7.95
CA ASN C 122 -18.04 20.91 -6.77
C ASN C 122 -18.23 19.59 -6.06
N GLY C 123 -18.09 19.59 -4.73
CA GLY C 123 -18.32 18.40 -3.89
C GLY C 123 -19.38 18.69 -2.85
N SER C 124 -20.26 17.74 -2.60
CA SER C 124 -21.28 17.85 -1.52
C SER C 124 -21.68 16.43 -1.09
N GLY C 125 -22.40 16.32 0.04
CA GLY C 125 -22.85 15.04 0.62
C GLY C 125 -21.73 14.28 1.32
N PHE C 126 -20.59 14.93 1.57
CA PHE C 126 -19.43 14.34 2.27
C PHE C 126 -19.68 14.34 3.79
N LYS C 127 -19.19 13.31 4.48
CA LYS C 127 -19.21 13.13 5.95
C LYS C 127 -18.02 13.85 6.61
N LYS C 128 -18.32 14.62 7.67
N LYS C 128 -18.17 14.29 7.87
CA LYS C 128 -17.32 15.13 8.65
CA LYS C 128 -17.24 15.17 8.66
C LYS C 128 -16.68 13.88 9.28
C LYS C 128 -15.87 14.52 8.98
N GLY C 129 -15.36 13.77 9.15
N GLY C 129 -15.81 13.29 9.51
CA GLY C 129 -14.53 12.66 9.69
CA GLY C 129 -14.54 12.59 9.71
C GLY C 129 -14.47 11.43 8.81
C GLY C 129 -14.48 11.38 8.80
N GLY C 130 -15.01 11.51 7.58
CA GLY C 130 -14.93 10.43 6.58
C GLY C 130 -13.61 10.49 5.85
N ASN C 131 -13.39 9.58 4.91
CA ASN C 131 -12.09 9.36 4.24
C ASN C 131 -11.74 10.60 3.42
N ILE C 132 -12.70 11.43 3.03
CA ILE C 132 -12.42 12.55 2.09
C ILE C 132 -12.18 13.82 2.89
N LEU C 133 -13.13 14.27 3.70
CA LEU C 133 -12.97 15.53 4.48
C LEU C 133 -11.91 15.33 5.57
N GLY C 134 -11.80 14.10 6.10
CA GLY C 134 -10.76 13.69 7.06
C GLY C 134 -9.39 13.45 6.41
N LYS C 135 -9.28 13.52 5.08
CA LYS C 135 -8.05 13.21 4.29
C LYS C 135 -7.39 11.92 4.84
N LYS C 136 -8.08 10.79 4.77
CA LYS C 136 -7.58 9.50 5.30
C LYS C 136 -7.22 8.54 4.16
N LEU C 137 -7.20 9.03 2.92
CA LEU C 137 -6.77 8.22 1.74
C LEU C 137 -5.25 8.26 1.65
N GLU C 138 -4.60 7.13 1.32
CA GLU C 138 -3.14 7.09 1.10
C GLU C 138 -2.79 8.01 -0.06
N PHE C 139 -1.59 8.57 -0.02
CA PHE C 139 -0.99 9.28 -1.17
C PHE C 139 -0.35 8.20 -2.05
N ASN C 140 -1.19 7.51 -2.80
CA ASN C 140 -0.79 6.58 -3.90
C ASN C 140 -1.99 6.40 -4.83
N TYR C 141 -1.81 5.54 -5.84
CA TYR C 141 -2.85 5.27 -6.86
C TYR C 141 -2.71 3.83 -7.33
N ASN C 142 -3.81 3.31 -7.85
CA ASN C 142 -3.95 1.94 -8.38
C ASN C 142 -4.13 2.04 -9.89
N PRO C 143 -3.84 0.95 -10.63
CA PRO C 143 -4.19 0.86 -12.04
C PRO C 143 -5.68 0.59 -12.19
N HIS C 144 -6.25 1.01 -13.31
CA HIS C 144 -7.71 0.96 -13.56
C HIS C 144 -7.99 0.62 -15.02
N CYS C 145 -9.25 0.28 -15.26
CA CYS C 145 -9.79 0.06 -16.62
C CYS C 145 -10.90 1.07 -16.90
N ILE C 146 -10.69 1.92 -17.89
CA ILE C 146 -11.70 2.91 -18.36
C ILE C 146 -12.51 2.23 -19.44
N TYR C 147 -13.84 2.27 -19.33
CA TYR C 147 -14.79 1.87 -20.40
C TYR C 147 -15.05 3.12 -21.27
N VAL C 148 -14.88 2.98 -22.57
CA VAL C 148 -15.25 4.02 -23.58
C VAL C 148 -16.35 3.44 -24.45
N LEU C 149 -17.51 4.11 -24.47
CA LEU C 149 -18.73 3.74 -25.23
C LEU C 149 -19.04 4.86 -26.21
N PRO C 150 -19.56 4.56 -27.42
CA PRO C 150 -20.05 5.61 -28.30
C PRO C 150 -21.27 6.29 -27.66
N ASP C 151 -21.42 7.59 -27.90
CA ASP C 151 -22.66 8.35 -27.57
C ASP C 151 -22.98 9.29 -28.74
N VAL C 152 -23.45 8.71 -29.85
CA VAL C 152 -23.73 9.45 -31.13
C VAL C 152 -24.81 10.52 -30.87
N GLN C 153 -25.78 10.25 -30.01
CA GLN C 153 -26.87 11.22 -29.66
C GLN C 153 -26.26 12.54 -29.21
N ASN C 154 -25.07 12.52 -28.59
CA ASN C 154 -24.40 13.70 -28.01
C ASN C 154 -23.16 14.08 -28.82
N ASN C 155 -22.97 13.45 -29.98
CA ASN C 155 -21.78 13.68 -30.82
C ASN C 155 -20.51 13.42 -29.99
N GLY C 156 -20.49 12.37 -29.15
CA GLY C 156 -19.36 12.15 -28.23
C GLY C 156 -19.19 10.72 -27.74
N ILE C 157 -18.58 10.58 -26.55
CA ILE C 157 -18.36 9.28 -25.86
C ILE C 157 -18.83 9.40 -24.41
N LYS C 158 -19.36 8.30 -23.87
CA LYS C 158 -19.65 8.08 -22.44
C LYS C 158 -18.56 7.14 -21.92
N CYS C 159 -17.96 7.41 -20.77
CA CYS C 159 -16.93 6.54 -20.18
C CYS C 159 -17.35 6.18 -18.76
N TYR C 160 -16.96 5.00 -18.30
CA TYR C 160 -17.25 4.52 -16.93
C TYR C 160 -15.94 3.99 -16.33
N ILE C 161 -15.67 4.34 -15.08
CA ILE C 161 -14.45 3.90 -14.34
C ILE C 161 -14.84 3.67 -12.89
N ASN C 162 -14.42 2.55 -12.32
CA ASN C 162 -14.28 2.40 -10.86
C ASN C 162 -12.83 2.73 -10.50
N ILE C 163 -12.63 3.66 -9.57
CA ILE C 163 -11.31 4.00 -8.99
C ILE C 163 -11.26 3.34 -7.60
N VAL C 164 -10.17 2.62 -7.34
CA VAL C 164 -9.85 2.00 -6.04
C VAL C 164 -8.90 2.93 -5.31
N HIS C 165 -9.36 3.52 -4.22
CA HIS C 165 -8.59 4.40 -3.30
C HIS C 165 -8.16 3.57 -2.08
N ASP C 166 -6.84 3.46 -1.87
CA ASP C 166 -6.27 2.81 -0.66
C ASP C 166 -6.46 3.77 0.52
N VAL C 167 -6.99 3.26 1.62
CA VAL C 167 -7.22 4.02 2.89
C VAL C 167 -6.01 3.81 3.81
N ILE C 168 -5.56 4.88 4.48
CA ILE C 168 -4.48 4.80 5.51
C ILE C 168 -4.88 3.75 6.56
N GLY C 169 -3.98 2.83 6.84
CA GLY C 169 -4.12 1.82 7.90
C GLY C 169 -4.83 0.59 7.40
N GLY C 170 -5.03 0.47 6.09
CA GLY C 170 -5.64 -0.71 5.45
C GLY C 170 -7.03 -0.40 4.95
N GLY C 171 -7.49 -1.16 3.95
CA GLY C 171 -8.82 -1.01 3.34
C GLY C 171 -8.77 -0.24 2.02
N GLN C 172 -9.80 -0.45 1.20
CA GLN C 172 -9.98 0.26 -0.08
C GLN C 172 -11.43 0.72 -0.20
N ILE C 173 -11.65 1.87 -0.83
CA ILE C 173 -13.00 2.34 -1.21
C ILE C 173 -13.05 2.58 -2.72
N ILE C 174 -14.26 2.53 -3.28
CA ILE C 174 -14.54 2.75 -4.73
C ILE C 174 -15.02 4.19 -4.92
N ALA C 175 -14.46 4.87 -5.90
CA ALA C 175 -14.99 6.12 -6.47
C ALA C 175 -15.52 5.78 -7.88
N ALA C 176 -16.85 5.67 -7.98
CA ALA C 176 -17.59 5.40 -9.22
C ALA C 176 -17.61 6.65 -10.11
N HIS C 177 -17.02 6.56 -11.30
CA HIS C 177 -16.95 7.66 -12.30
C HIS C 177 -17.95 7.41 -13.44
N GLN C 178 -18.79 8.40 -13.72
CA GLN C 178 -19.61 8.53 -14.94
C GLN C 178 -19.05 9.72 -15.70
N GLN C 179 -18.82 9.60 -17.00
CA GLN C 179 -18.07 10.62 -17.77
C GLN C 179 -18.72 10.81 -19.13
N LEU C 180 -18.86 12.06 -19.56
CA LEU C 180 -19.35 12.43 -20.89
C LEU C 180 -18.33 13.36 -21.55
N ASN C 181 -17.93 13.06 -22.78
CA ASN C 181 -17.05 13.95 -23.59
C ASN C 181 -17.84 14.36 -24.82
N THR C 182 -17.98 15.67 -25.01
CA THR C 182 -18.66 16.29 -26.17
C THR C 182 -17.72 17.32 -26.79
N PRO C 183 -17.94 17.73 -28.05
CA PRO C 183 -17.01 18.62 -28.73
C PRO C 183 -17.24 20.09 -28.34
N LEU C 184 -16.16 20.87 -28.41
CA LEU C 184 -16.21 22.35 -28.32
C LEU C 184 -16.37 22.92 -29.73
N GLY C 185 -15.79 22.27 -30.73
CA GLY C 185 -15.90 22.68 -32.15
C GLY C 185 -17.19 22.21 -32.83
N GLY C 186 -17.41 22.65 -34.07
CA GLY C 186 -18.44 22.16 -34.99
C GLY C 186 -17.85 21.17 -36.00
N GLY C 187 -16.56 20.92 -35.93
CA GLY C 187 -15.82 20.06 -36.90
C GLY C 187 -16.25 18.61 -36.79
N PRO C 188 -15.81 17.74 -37.72
CA PRO C 188 -16.04 16.30 -37.61
C PRO C 188 -15.29 15.68 -36.43
N VAL C 189 -15.91 14.73 -35.74
CA VAL C 189 -15.30 13.92 -34.64
C VAL C 189 -15.30 12.42 -35.02
N ASP C 190 -14.41 11.62 -34.45
CA ASP C 190 -14.36 10.15 -34.64
C ASP C 190 -14.98 9.45 -33.42
N ILE C 191 -16.12 8.79 -33.59
CA ILE C 191 -16.84 8.11 -32.47
C ILE C 191 -16.53 6.62 -32.53
N PRO C 192 -15.85 6.06 -31.51
CA PRO C 192 -15.39 4.68 -31.57
C PRO C 192 -16.43 3.65 -31.11
N HIS C 193 -16.16 2.39 -31.45
CA HIS C 193 -16.85 1.24 -30.85
C HIS C 193 -16.40 1.16 -29.39
N TYR C 194 -17.16 0.47 -28.57
CA TYR C 194 -16.83 0.15 -27.16
C TYR C 194 -15.47 -0.52 -27.07
N HIS C 195 -14.62 0.02 -26.22
CA HIS C 195 -13.25 -0.47 -25.95
C HIS C 195 -12.81 -0.02 -24.54
N HIS C 196 -11.62 -0.44 -24.11
CA HIS C 196 -11.04 -0.13 -22.80
C HIS C 196 -9.80 0.75 -22.95
N ILE C 197 -9.53 1.56 -21.94
CA ILE C 197 -8.22 2.23 -21.74
C ILE C 197 -7.68 1.70 -20.41
N GLN C 198 -6.54 0.99 -20.47
CA GLN C 198 -5.72 0.61 -19.31
C GLN C 198 -5.03 1.87 -18.78
N ALA C 199 -5.15 2.12 -17.47
CA ALA C 199 -4.56 3.27 -16.76
C ALA C 199 -3.66 2.77 -15.64
N HIS C 200 -2.48 3.38 -15.51
CA HIS C 200 -1.46 3.10 -14.47
C HIS C 200 -0.89 4.44 -14.02
N THR C 201 -0.80 4.68 -12.73
CA THR C 201 -0.50 6.02 -12.14
C THR C 201 0.39 5.84 -10.93
N ILE C 202 1.57 6.47 -10.92
CA ILE C 202 2.47 6.57 -9.74
C ILE C 202 2.47 8.03 -9.25
N LEU C 203 2.06 8.22 -7.99
CA LEU C 203 2.09 9.53 -7.27
C LEU C 203 3.41 9.62 -6.49
N SER C 204 3.99 10.83 -6.39
CA SER C 204 5.23 11.09 -5.63
C SER C 204 5.21 12.52 -5.11
N LYS C 205 6.05 12.81 -4.11
CA LYS C 205 6.32 14.18 -3.62
C LYS C 205 7.77 14.55 -3.99
N ASP C 206 8.02 15.82 -4.18
CA ASP C 206 9.36 16.45 -4.24
C ASP C 206 9.75 16.84 -2.82
N PRO C 207 10.84 16.27 -2.26
CA PRO C 207 11.32 16.65 -0.93
C PRO C 207 11.70 18.14 -0.79
N LYS C 208 12.04 18.81 -1.90
CA LYS C 208 12.46 20.24 -1.92
C LYS C 208 11.23 21.17 -2.04
N GLU C 209 10.03 20.62 -2.32
CA GLU C 209 8.81 21.43 -2.56
C GLU C 209 8.09 21.68 -1.23
N THR C 210 7.87 22.94 -0.86
CA THR C 210 7.28 23.33 0.44
C THR C 210 5.76 23.50 0.33
N ARG C 211 5.21 23.75 -0.86
CA ARG C 211 3.73 23.88 -1.05
C ARG C 211 3.08 22.49 -1.08
N ASP C 212 1.79 22.40 -0.74
CA ASP C 212 0.99 21.16 -0.89
C ASP C 212 0.98 20.81 -2.39
N HIS C 213 1.37 19.58 -2.74
CA HIS C 213 1.70 19.23 -4.15
C HIS C 213 1.54 17.72 -4.42
N MET C 214 1.55 17.36 -5.70
CA MET C 214 1.42 15.96 -6.21
C MET C 214 2.12 15.89 -7.56
N ASN C 215 3.08 14.99 -7.67
CA ASN C 215 3.74 14.62 -8.95
C ASN C 215 3.19 13.27 -9.41
N VAL C 216 3.18 13.10 -10.71
CA VAL C 216 2.31 12.12 -11.42
C VAL C 216 3.13 11.57 -12.60
N VAL C 217 3.19 10.26 -12.68
CA VAL C 217 3.64 9.51 -13.89
C VAL C 217 2.53 8.53 -14.22
N GLU C 218 1.98 8.63 -15.43
CA GLU C 218 0.79 7.88 -15.87
C GLU C 218 1.06 7.21 -17.21
N VAL C 219 0.41 6.06 -17.42
CA VAL C 219 0.36 5.35 -18.74
C VAL C 219 -1.10 5.02 -19.03
N PHE C 220 -1.56 5.47 -20.20
CA PHE C 220 -2.92 5.17 -20.75
C PHE C 220 -2.72 4.46 -22.09
N ARG C 221 -3.25 3.25 -22.21
CA ARG C 221 -3.21 2.48 -23.47
C ARG C 221 -4.62 1.99 -23.80
N ALA C 222 -5.13 2.38 -24.96
CA ALA C 222 -6.41 1.90 -25.52
C ALA C 222 -6.22 0.44 -25.93
N ILE C 223 -7.18 -0.41 -25.58
CA ILE C 223 -7.16 -1.86 -25.92
CA ILE C 223 -7.17 -1.87 -25.90
C ILE C 223 -8.49 -2.21 -26.60
N ASP C 224 -8.40 -2.89 -27.74
CA ASP C 224 -9.56 -3.41 -28.50
C ASP C 224 -10.01 -4.72 -27.83
N CYS C 225 -10.68 -4.62 -26.69
CA CYS C 225 -11.00 -5.76 -25.79
C CYS C 225 -11.88 -6.80 -26.51
N LYS C 226 -12.70 -6.39 -27.49
CA LYS C 226 -13.51 -7.31 -28.33
C LYS C 226 -12.58 -8.34 -28.99
N THR C 227 -11.35 -7.95 -29.31
CA THR C 227 -10.33 -8.84 -29.93
C THR C 227 -9.37 -9.35 -28.85
N ALA C 228 -8.76 -8.44 -28.09
CA ALA C 228 -7.58 -8.72 -27.22
C ALA C 228 -7.95 -9.69 -26.10
N TYR C 229 -9.19 -9.69 -25.59
CA TYR C 229 -9.60 -10.55 -24.44
C TYR C 229 -10.07 -11.93 -24.94
N ALA C 230 -10.14 -12.14 -26.26
CA ALA C 230 -10.60 -13.42 -26.87
C ALA C 230 -9.59 -14.56 -26.56
N LEU D 7 -7.24 -30.54 -9.17
CA LEU D 7 -8.71 -30.23 -9.11
C LEU D 7 -9.13 -29.49 -10.40
N PHE D 8 -8.31 -28.53 -10.83
CA PHE D 8 -8.53 -27.67 -12.03
C PHE D 8 -7.41 -27.90 -13.06
N ARG D 9 -6.68 -29.01 -12.96
CA ARG D 9 -5.56 -29.33 -13.89
C ARG D 9 -6.11 -29.70 -15.28
N GLU D 10 -7.33 -30.25 -15.33
CA GLU D 10 -8.03 -30.66 -16.57
C GLU D 10 -9.31 -29.83 -16.79
N LYS D 11 -9.81 -29.83 -18.02
CA LYS D 11 -11.22 -29.47 -18.38
C LYS D 11 -12.15 -30.33 -17.50
N ILE D 12 -13.12 -29.72 -16.82
CA ILE D 12 -14.06 -30.47 -15.95
C ILE D 12 -15.48 -29.97 -16.17
N PRO D 13 -16.49 -30.84 -15.91
CA PRO D 13 -17.89 -30.44 -16.08
C PRO D 13 -18.29 -29.26 -15.20
N TYR D 14 -19.23 -28.45 -15.70
CA TYR D 14 -19.84 -27.29 -15.00
C TYR D 14 -21.35 -27.47 -15.09
N VAL D 15 -22.04 -27.39 -13.93
CA VAL D 15 -23.51 -27.54 -13.81
C VAL D 15 -24.05 -26.29 -13.12
N VAL D 16 -25.15 -25.73 -13.61
CA VAL D 16 -25.79 -24.53 -13.03
C VAL D 16 -27.26 -24.86 -12.75
N GLU D 17 -27.71 -24.57 -11.53
CA GLU D 17 -29.12 -24.65 -11.11
C GLU D 17 -29.46 -23.27 -10.57
N MET D 18 -30.31 -22.54 -11.29
CA MET D 18 -30.70 -21.16 -10.93
C MET D 18 -32.22 -21.12 -10.70
N GLU D 19 -32.64 -20.44 -9.64
CA GLU D 19 -34.05 -20.09 -9.37
C GLU D 19 -34.11 -18.57 -9.38
N GLY D 20 -35.09 -17.99 -10.09
CA GLY D 20 -35.21 -16.54 -10.26
C GLY D 20 -36.60 -16.09 -9.90
N ASP D 21 -36.73 -14.86 -9.41
CA ASP D 21 -38.03 -14.20 -9.12
C ASP D 21 -37.82 -12.70 -9.40
N VAL D 22 -38.40 -12.21 -10.49
CA VAL D 22 -38.29 -10.79 -10.92
C VAL D 22 -39.70 -10.23 -10.93
N GLU D 23 -39.99 -9.27 -10.07
CA GLU D 23 -41.32 -8.60 -9.96
C GLU D 23 -42.43 -9.67 -9.92
N GLY D 24 -42.20 -10.78 -9.20
CA GLY D 24 -43.22 -11.83 -8.99
C GLY D 24 -43.17 -12.96 -10.01
N MET D 25 -42.50 -12.75 -11.16
CA MET D 25 -42.35 -13.78 -12.22
C MET D 25 -41.25 -14.77 -11.82
N LYS D 26 -41.61 -15.96 -11.36
CA LYS D 26 -40.67 -17.05 -10.99
C LYS D 26 -40.17 -17.72 -12.28
N PHE D 27 -38.92 -18.15 -12.31
CA PHE D 27 -38.36 -18.95 -13.43
C PHE D 27 -37.21 -19.80 -12.91
N SER D 28 -36.90 -20.86 -13.65
CA SER D 28 -35.77 -21.77 -13.39
C SER D 28 -34.90 -21.84 -14.64
N VAL D 29 -33.58 -21.85 -14.47
CA VAL D 29 -32.59 -22.05 -15.56
C VAL D 29 -31.68 -23.20 -15.13
N ARG D 30 -31.38 -24.09 -16.06
CA ARG D 30 -30.44 -25.23 -15.85
C ARG D 30 -29.38 -25.08 -16.93
N GLY D 31 -28.12 -25.30 -16.57
CA GLY D 31 -27.03 -25.27 -17.54
C GLY D 31 -26.08 -26.43 -17.33
N LYS D 32 -25.42 -26.83 -18.40
CA LYS D 32 -24.40 -27.89 -18.41
C LYS D 32 -23.32 -27.39 -19.38
N GLY D 33 -22.06 -27.62 -19.04
CA GLY D 33 -20.93 -27.30 -19.92
C GLY D 33 -19.65 -27.82 -19.30
N HIS D 34 -18.54 -27.19 -19.64
CA HIS D 34 -17.21 -27.50 -19.05
C HIS D 34 -16.47 -26.18 -18.84
N GLY D 35 -15.53 -26.18 -17.91
CA GLY D 35 -14.58 -25.08 -17.68
C GLY D 35 -13.17 -25.61 -17.73
N ASP D 36 -12.23 -24.82 -18.23
CA ASP D 36 -10.80 -25.21 -18.32
C ASP D 36 -9.96 -24.06 -17.78
N ALA D 37 -9.49 -24.17 -16.55
CA ALA D 37 -8.73 -23.14 -15.82
C ALA D 37 -7.35 -22.94 -16.43
N ASN D 38 -6.89 -23.90 -17.25
CA ASN D 38 -5.63 -23.81 -18.01
C ASN D 38 -5.74 -22.69 -19.04
N THR D 39 -6.92 -22.50 -19.64
CA THR D 39 -7.21 -21.51 -20.72
C THR D 39 -8.14 -20.39 -20.24
N GLY D 40 -8.85 -20.61 -19.14
CA GLY D 40 -9.86 -19.69 -18.59
C GLY D 40 -11.19 -19.79 -19.32
N LYS D 41 -11.39 -20.85 -20.13
CA LYS D 41 -12.51 -20.96 -21.10
C LYS D 41 -13.68 -21.68 -20.43
N ILE D 42 -14.89 -21.13 -20.56
CA ILE D 42 -16.16 -21.83 -20.23
C ILE D 42 -16.99 -21.94 -21.51
N GLU D 43 -17.50 -23.14 -21.79
CA GLU D 43 -18.56 -23.38 -22.79
C GLU D 43 -19.72 -24.06 -22.05
N ALA D 44 -20.91 -23.48 -22.08
CA ALA D 44 -22.10 -24.04 -21.41
C ALA D 44 -23.38 -23.71 -22.20
N SER D 45 -24.40 -24.56 -22.03
CA SER D 45 -25.75 -24.37 -22.61
C SER D 45 -26.72 -24.18 -21.47
N PHE D 46 -27.56 -23.14 -21.55
CA PHE D 46 -28.59 -22.81 -20.54
C PHE D 46 -29.97 -22.97 -21.18
N ILE D 47 -30.88 -23.59 -20.44
CA ILE D 47 -32.30 -23.79 -20.81
C ILE D 47 -33.13 -23.10 -19.72
N CYS D 48 -34.11 -22.29 -20.09
CA CYS D 48 -35.20 -21.92 -19.15
C CYS D 48 -36.19 -23.09 -19.10
N THR D 49 -36.30 -23.77 -17.98
CA THR D 49 -37.10 -25.02 -17.81
C THR D 49 -38.54 -24.68 -17.42
N THR D 50 -38.88 -23.41 -17.21
CA THR D 50 -40.25 -22.98 -16.86
C THR D 50 -40.94 -22.24 -18.03
N GLY D 51 -40.38 -22.33 -19.23
CA GLY D 51 -40.95 -21.72 -20.43
C GLY D 51 -40.05 -20.63 -20.98
N GLU D 52 -40.63 -19.44 -21.16
CA GLU D 52 -39.95 -18.25 -21.72
C GLU D 52 -39.29 -17.55 -20.53
N LEU D 53 -38.01 -17.18 -20.65
CA LEU D 53 -37.32 -16.34 -19.63
C LEU D 53 -38.05 -14.99 -19.57
N PRO D 54 -38.44 -14.49 -18.38
CA PRO D 54 -39.17 -13.22 -18.30
C PRO D 54 -38.29 -11.95 -18.36
N VAL D 55 -36.98 -12.13 -18.50
CA VAL D 55 -35.98 -11.02 -18.59
C VAL D 55 -34.99 -11.38 -19.70
N PRO D 56 -34.17 -10.42 -20.20
CA PRO D 56 -33.18 -10.71 -21.22
C PRO D 56 -32.18 -11.76 -20.72
N TRP D 57 -31.75 -12.70 -21.58
CA TRP D 57 -30.70 -13.69 -21.23
C TRP D 57 -29.42 -12.95 -20.80
N SER D 58 -28.99 -11.93 -21.54
CA SER D 58 -27.75 -11.17 -21.25
C SER D 58 -27.81 -10.62 -19.82
N SER D 59 -28.99 -10.28 -19.32
CA SER D 59 -29.15 -9.67 -17.98
C SER D 59 -28.75 -10.68 -16.88
N ILE D 60 -28.82 -11.98 -17.15
CA ILE D 60 -28.52 -13.03 -16.12
C ILE D 60 -27.23 -13.78 -16.45
N LEU D 61 -26.47 -13.34 -17.48
CA LEU D 61 -25.22 -14.00 -17.91
C LEU D 61 -24.27 -14.13 -16.72
N THR D 62 -24.01 -13.01 -16.03
CA THR D 62 -23.03 -12.96 -14.91
C THR D 62 -23.48 -13.89 -13.78
N THR D 63 -24.78 -14.02 -13.56
CA THR D 63 -25.33 -14.83 -12.43
C THR D 63 -25.10 -16.33 -12.69
N VAL D 64 -25.20 -16.78 -13.95
CA VAL D 64 -25.07 -18.22 -14.32
C VAL D 64 -23.61 -18.49 -14.70
N1 CRO D 65 -22.70 -17.60 -14.96
CA1 CRO D 65 -21.25 -17.61 -15.23
CB1 CRO D 65 -20.92 -17.63 -16.73
CG1 CRO D 65 -21.39 -18.91 -17.42
OG1 CRO D 65 -21.52 -16.47 -17.35
C1 CRO D 65 -20.58 -16.45 -14.56
N2 CRO D 65 -20.08 -15.33 -15.21
N3 CRO D 65 -20.36 -16.40 -13.22
C2 CRO D 65 -19.73 -15.23 -13.00
O2 CRO D 65 -19.38 -14.79 -11.83
CA2 CRO D 65 -19.56 -14.52 -14.27
CA3 CRO D 65 -20.82 -17.38 -12.21
C3 CRO D 65 -19.79 -18.34 -11.66
O3 CRO D 65 -20.15 -18.91 -10.57
CB2 CRO D 65 -18.88 -13.22 -14.52
CG2 CRO D 65 -18.69 -12.48 -15.82
CD1 CRO D 65 -18.17 -11.21 -15.69
CD2 CRO D 65 -19.02 -12.91 -17.11
CE1 CRO D 65 -17.98 -10.35 -16.80
CE2 CRO D 65 -18.81 -12.09 -18.22
CZ CRO D 65 -18.28 -10.80 -18.05
OH CRO D 65 -18.04 -9.94 -19.06
N ALA D 66 -18.85 -18.68 -12.46
CA ALA D 66 -17.81 -19.65 -11.96
C ALA D 66 -16.42 -19.04 -12.19
N GLN D 67 -16.08 -18.06 -11.35
CA GLN D 67 -14.80 -17.31 -11.38
C GLN D 67 -13.64 -18.28 -11.14
N CYS D 68 -13.88 -19.42 -10.50
CA CYS D 68 -12.83 -20.45 -10.26
C CYS D 68 -12.20 -20.94 -11.57
N PHE D 69 -12.90 -20.81 -12.69
CA PHE D 69 -12.40 -21.26 -14.01
C PHE D 69 -11.47 -20.24 -14.67
N ALA D 70 -11.33 -19.04 -14.10
CA ALA D 70 -10.45 -18.00 -14.65
C ALA D 70 -9.02 -18.51 -14.70
N LYS D 71 -8.27 -18.11 -15.72
CA LYS D 71 -6.85 -18.46 -15.87
C LYS D 71 -6.03 -17.55 -14.96
N TYR D 72 -5.39 -18.11 -13.93
CA TYR D 72 -4.63 -17.37 -12.90
C TYR D 72 -3.15 -17.67 -13.11
N PRO D 73 -2.27 -16.66 -13.14
CA PRO D 73 -0.83 -16.90 -13.12
C PRO D 73 -0.41 -17.28 -11.69
N ASN D 74 0.84 -17.71 -11.52
CA ASN D 74 1.35 -18.22 -10.21
C ASN D 74 1.47 -17.07 -9.21
N ASP D 75 1.67 -15.84 -9.65
CA ASP D 75 1.98 -14.72 -8.73
C ASP D 75 0.71 -13.89 -8.42
N ILE D 76 -0.50 -14.43 -8.63
CA ILE D 76 -1.73 -13.81 -8.04
C ILE D 76 -2.50 -14.91 -7.31
N LYS D 77 -2.86 -14.68 -6.07
CA LYS D 77 -3.65 -15.67 -5.28
C LYS D 77 -5.02 -15.80 -5.96
N ASP D 78 -5.48 -17.04 -6.01
CA ASP D 78 -6.70 -17.50 -6.70
C ASP D 78 -7.72 -17.86 -5.61
N TYR D 79 -8.51 -16.88 -5.17
CA TYR D 79 -9.39 -17.02 -3.99
C TYR D 79 -10.41 -18.11 -4.24
N PRO D 80 -11.19 -18.06 -5.35
CA PRO D 80 -12.21 -19.07 -5.63
C PRO D 80 -11.65 -20.50 -5.66
N LYS D 81 -10.54 -20.76 -6.36
CA LYS D 81 -9.98 -22.14 -6.38
C LYS D 81 -9.55 -22.54 -4.96
N SER D 82 -9.03 -21.61 -4.15
CA SER D 82 -8.53 -21.89 -2.79
C SER D 82 -9.69 -22.31 -1.89
N ALA D 83 -10.89 -21.79 -2.14
CA ALA D 83 -12.11 -22.07 -1.34
C ALA D 83 -12.65 -23.46 -1.68
N MET D 84 -12.17 -24.07 -2.75
CA MET D 84 -12.62 -25.40 -3.22
C MET D 84 -11.80 -26.47 -2.50
N PRO D 85 -12.32 -27.71 -2.32
CA PRO D 85 -13.65 -28.11 -2.81
C PRO D 85 -14.92 -27.78 -2.01
N GLU D 86 -14.80 -27.40 -0.73
CA GLU D 86 -15.99 -27.08 0.10
C GLU D 86 -16.74 -25.93 -0.57
N GLY D 87 -16.00 -25.04 -1.24
CA GLY D 87 -16.61 -24.00 -2.11
C GLY D 87 -16.77 -22.65 -1.45
N TYR D 88 -17.54 -21.77 -2.08
CA TYR D 88 -17.67 -20.36 -1.67
C TYR D 88 -19.06 -19.84 -2.00
N VAL D 89 -19.47 -18.81 -1.27
CA VAL D 89 -20.71 -18.02 -1.52
C VAL D 89 -20.33 -16.82 -2.40
N GLN D 90 -21.09 -16.60 -3.47
CA GLN D 90 -20.96 -15.41 -4.36
C GLN D 90 -22.27 -14.64 -4.26
N GLU D 91 -22.23 -13.44 -3.69
CA GLU D 91 -23.39 -12.54 -3.52
C GLU D 91 -23.17 -11.36 -4.45
N ARG D 92 -24.21 -10.89 -5.12
CA ARG D 92 -24.11 -9.69 -5.98
C ARG D 92 -25.31 -8.79 -5.75
N THR D 93 -25.06 -7.50 -5.85
CA THR D 93 -26.10 -6.50 -6.18
C THR D 93 -25.79 -6.01 -7.59
N ILE D 94 -26.77 -6.15 -8.49
CA ILE D 94 -26.68 -5.68 -9.91
C ILE D 94 -27.74 -4.61 -10.11
N THR D 95 -27.36 -3.37 -10.36
CA THR D 95 -28.32 -2.25 -10.53
C THR D 95 -28.20 -1.74 -11.98
N PHE D 96 -29.33 -1.78 -12.69
CA PHE D 96 -29.45 -1.48 -14.12
C PHE D 96 -29.75 -0.01 -14.26
N GLU D 97 -29.02 0.64 -15.15
CA GLU D 97 -29.17 2.08 -15.48
C GLU D 97 -30.66 2.37 -15.65
N ASN D 98 -31.20 3.36 -14.92
CA ASN D 98 -32.61 3.82 -15.03
C ASN D 98 -33.61 2.68 -14.78
N ASP D 99 -33.21 1.62 -14.07
CA ASP D 99 -34.12 0.46 -13.89
C ASP D 99 -33.86 -0.19 -12.52
N GLY D 100 -34.31 -1.43 -12.32
CA GLY D 100 -34.29 -2.11 -11.01
C GLY D 100 -32.95 -2.76 -10.69
N VAL D 101 -32.97 -3.64 -9.68
CA VAL D 101 -31.75 -4.33 -9.16
C VAL D 101 -32.04 -5.83 -9.05
N TYR D 102 -31.05 -6.65 -9.41
CA TYR D 102 -30.97 -8.08 -9.07
C TYR D 102 -30.09 -8.22 -7.83
N LYS D 103 -30.61 -8.92 -6.81
CA LYS D 103 -29.82 -9.42 -5.66
C LYS D 103 -29.69 -10.92 -5.85
N THR D 104 -28.48 -11.46 -5.84
CA THR D 104 -28.20 -12.87 -6.14
C THR D 104 -27.34 -13.45 -5.04
N ARG D 105 -27.55 -14.72 -4.74
CA ARG D 105 -26.72 -15.49 -3.79
C ARG D 105 -26.45 -16.83 -4.45
N ALA D 106 -25.19 -17.16 -4.67
CA ALA D 106 -24.76 -18.43 -5.29
C ALA D 106 -23.90 -19.21 -4.27
N GLU D 107 -23.95 -20.52 -4.34
CA GLU D 107 -23.01 -21.45 -3.69
C GLU D 107 -22.33 -22.20 -4.81
N VAL D 108 -21.03 -21.98 -4.95
CA VAL D 108 -20.19 -22.65 -5.98
C VAL D 108 -19.38 -23.72 -5.25
N THR D 109 -19.58 -24.99 -5.57
CA THR D 109 -19.00 -26.15 -4.86
C THR D 109 -18.37 -27.08 -5.90
N TYR D 110 -17.50 -27.98 -5.46
CA TYR D 110 -16.95 -29.09 -6.27
C TYR D 110 -17.57 -30.40 -5.78
N GLU D 111 -18.34 -31.06 -6.64
CA GLU D 111 -19.06 -32.34 -6.39
C GLU D 111 -18.94 -33.25 -7.62
N LYS D 112 -18.63 -34.53 -7.40
CA LYS D 112 -18.64 -35.56 -8.46
C LYS D 112 -17.78 -35.07 -9.63
N GLY D 113 -16.60 -34.48 -9.39
CA GLY D 113 -15.65 -34.14 -10.45
C GLY D 113 -16.02 -32.88 -11.23
N SER D 114 -17.06 -32.17 -10.77
CA SER D 114 -17.69 -31.00 -11.47
C SER D 114 -17.79 -29.79 -10.54
N VAL D 115 -17.82 -28.59 -11.09
CA VAL D 115 -18.20 -27.35 -10.35
C VAL D 115 -19.71 -27.14 -10.47
N TYR D 116 -20.41 -26.94 -9.36
CA TYR D 116 -21.86 -26.61 -9.31
C TYR D 116 -22.00 -25.14 -8.88
N ASN D 117 -22.85 -24.41 -9.60
CA ASN D 117 -23.25 -23.02 -9.30
C ASN D 117 -24.75 -23.08 -9.01
N ARG D 118 -25.15 -23.19 -7.75
CA ARG D 118 -26.58 -23.16 -7.33
C ARG D 118 -26.90 -21.74 -6.88
N VAL D 119 -27.80 -21.05 -7.57
CA VAL D 119 -27.88 -19.58 -7.43
C VAL D 119 -29.35 -19.16 -7.43
N THR D 120 -29.67 -18.22 -6.57
CA THR D 120 -31.01 -17.62 -6.43
CA THR D 120 -31.01 -17.62 -6.44
C THR D 120 -30.91 -16.17 -6.89
N LEU D 121 -31.95 -15.64 -7.52
CA LEU D 121 -31.99 -14.24 -7.99
C LEU D 121 -33.35 -13.64 -7.63
N ASN D 122 -33.36 -12.46 -7.02
CA ASN D 122 -34.58 -11.65 -6.77
CA ASN D 122 -34.60 -11.66 -6.79
C ASN D 122 -34.40 -10.30 -7.47
N GLY D 123 -35.40 -9.85 -8.21
CA GLY D 123 -35.39 -8.54 -8.88
C GLY D 123 -36.54 -7.68 -8.41
N SER D 124 -36.30 -6.40 -8.21
CA SER D 124 -37.32 -5.39 -7.84
C SER D 124 -36.90 -4.01 -8.32
N GLY D 125 -37.85 -3.07 -8.34
CA GLY D 125 -37.66 -1.68 -8.76
C GLY D 125 -37.60 -1.53 -10.27
N PHE D 126 -37.98 -2.57 -11.02
CA PHE D 126 -37.98 -2.55 -12.51
C PHE D 126 -39.20 -1.79 -13.03
N LYS D 127 -39.03 -1.06 -14.14
CA LYS D 127 -40.09 -0.34 -14.88
C LYS D 127 -40.79 -1.32 -15.86
N LYS D 128 -42.13 -1.26 -15.86
N LYS D 128 -42.09 -1.17 -16.14
CA LYS D 128 -42.98 -1.90 -16.90
CA LYS D 128 -42.87 -2.22 -16.89
C LYS D 128 -42.65 -1.12 -18.17
C LYS D 128 -42.60 -2.24 -18.40
N GLY D 129 -42.20 -1.84 -19.22
N GLY D 129 -42.18 -1.12 -19.04
CA GLY D 129 -41.84 -1.27 -20.54
CA GLY D 129 -41.84 -1.06 -20.47
C GLY D 129 -40.39 -0.77 -20.62
C GLY D 129 -40.38 -0.68 -20.61
N GLY D 130 -39.57 -1.01 -19.60
CA GLY D 130 -38.13 -0.71 -19.62
C GLY D 130 -37.36 -1.84 -20.29
N ASN D 131 -36.04 -1.72 -20.32
CA ASN D 131 -35.17 -2.60 -21.15
C ASN D 131 -35.21 -4.03 -20.58
N ILE D 132 -35.58 -4.20 -19.32
CA ILE D 132 -35.49 -5.54 -18.67
C ILE D 132 -36.85 -6.23 -18.76
N LEU D 133 -37.91 -5.63 -18.20
CA LEU D 133 -39.24 -6.26 -18.20
C LEU D 133 -39.80 -6.27 -19.64
N GLY D 134 -39.44 -5.27 -20.45
CA GLY D 134 -39.77 -5.19 -21.89
C GLY D 134 -38.91 -6.11 -22.76
N LYS D 135 -37.91 -6.79 -22.20
CA LYS D 135 -36.92 -7.62 -22.95
C LYS D 135 -36.46 -6.87 -24.22
N LYS D 136 -35.83 -5.72 -24.07
CA LYS D 136 -35.36 -4.88 -25.20
C LYS D 136 -33.83 -4.92 -25.32
N LEU D 137 -33.16 -5.81 -24.59
CA LEU D 137 -31.70 -6.00 -24.69
C LEU D 137 -31.39 -6.95 -25.83
N GLU D 138 -30.36 -6.67 -26.63
CA GLU D 138 -29.90 -7.60 -27.69
C GLU D 138 -29.45 -8.91 -27.04
N PHE D 139 -29.57 -10.00 -27.79
CA PHE D 139 -28.95 -11.30 -27.45
C PHE D 139 -27.51 -11.25 -27.96
N ASN D 140 -26.67 -10.55 -27.21
CA ASN D 140 -25.19 -10.56 -27.39
C ASN D 140 -24.54 -10.11 -26.07
N TYR D 141 -23.22 -10.03 -26.09
CA TYR D 141 -22.43 -9.67 -24.88
C TYR D 141 -21.16 -8.95 -25.32
N ASN D 142 -20.64 -8.15 -24.40
CA ASN D 142 -19.44 -7.32 -24.55
C ASN D 142 -18.36 -7.92 -23.64
N PRO D 143 -17.06 -7.64 -23.93
CA PRO D 143 -15.98 -7.99 -23.01
C PRO D 143 -15.97 -6.98 -21.85
N HIS D 144 -15.44 -7.39 -20.71
CA HIS D 144 -15.47 -6.58 -19.47
C HIS D 144 -14.18 -6.74 -18.67
N CYS D 145 -14.01 -5.85 -17.71
CA CYS D 145 -12.92 -5.90 -16.71
C CYS D 145 -13.49 -6.06 -15.31
N ILE D 146 -13.18 -7.16 -14.66
CA ILE D 146 -13.57 -7.43 -13.26
C ILE D 146 -12.47 -6.89 -12.36
N TYR D 147 -12.82 -6.09 -11.36
CA TYR D 147 -11.92 -5.68 -10.26
C TYR D 147 -12.03 -6.72 -9.13
N VAL D 148 -10.91 -7.27 -8.71
CA VAL D 148 -10.79 -8.19 -7.54
C VAL D 148 -9.97 -7.48 -6.47
N LEU D 149 -10.58 -7.24 -5.30
CA LEU D 149 -9.97 -6.56 -4.12
C LEU D 149 -9.95 -7.56 -2.97
N PRO D 150 -8.91 -7.56 -2.11
CA PRO D 150 -8.95 -8.31 -0.86
C PRO D 150 -10.07 -7.80 0.04
N ASP D 151 -10.72 -8.71 0.78
CA ASP D 151 -11.67 -8.33 1.86
C ASP D 151 -11.41 -9.23 3.07
N VAL D 152 -10.31 -8.94 3.78
CA VAL D 152 -9.81 -9.79 4.90
C VAL D 152 -10.85 -9.82 6.03
N GLN D 153 -11.54 -8.70 6.26
CA GLN D 153 -12.61 -8.57 7.29
C GLN D 153 -13.63 -9.71 7.12
N ASN D 154 -13.88 -10.16 5.88
CA ASN D 154 -14.93 -11.15 5.54
C ASN D 154 -14.29 -12.49 5.10
N ASN D 155 -12.99 -12.62 5.29
CA ASN D 155 -12.25 -13.83 4.86
C ASN D 155 -12.51 -14.09 3.35
N GLY D 156 -12.51 -13.05 2.52
CA GLY D 156 -12.82 -13.22 1.09
C GLY D 156 -12.32 -12.13 0.15
N ILE D 157 -13.05 -11.93 -0.95
CA ILE D 157 -12.78 -10.88 -1.97
C ILE D 157 -14.06 -10.10 -2.23
N LYS D 158 -13.90 -8.80 -2.50
CA LYS D 158 -14.94 -7.89 -3.05
C LYS D 158 -14.59 -7.69 -4.52
N CYS D 159 -15.56 -7.78 -5.43
CA CYS D 159 -15.32 -7.58 -6.88
C CYS D 159 -16.28 -6.52 -7.38
N TYR D 160 -15.85 -5.75 -8.37
CA TYR D 160 -16.68 -4.69 -8.99
C TYR D 160 -16.58 -4.85 -10.51
N ILE D 161 -17.74 -4.78 -11.17
CA ILE D 161 -17.84 -4.91 -12.65
C ILE D 161 -18.90 -3.92 -13.13
N ASN D 162 -18.59 -3.17 -14.18
CA ASN D 162 -19.64 -2.57 -15.04
C ASN D 162 -19.85 -3.53 -16.22
N ILE D 163 -21.09 -3.92 -16.44
CA ILE D 163 -21.51 -4.71 -17.64
C ILE D 163 -22.20 -3.74 -18.60
N VAL D 164 -21.77 -3.78 -19.86
CA VAL D 164 -22.37 -3.00 -20.96
C VAL D 164 -23.33 -3.91 -21.72
N HIS D 165 -24.63 -3.59 -21.64
CA HIS D 165 -25.72 -4.30 -22.34
C HIS D 165 -26.11 -3.51 -23.59
N ASP D 166 -25.99 -4.13 -24.78
CA ASP D 166 -26.47 -3.50 -26.04
C ASP D 166 -28.00 -3.57 -26.08
N VAL D 167 -28.63 -2.44 -26.39
CA VAL D 167 -30.11 -2.29 -26.51
C VAL D 167 -30.50 -2.49 -27.98
N ILE D 168 -31.60 -3.20 -28.23
CA ILE D 168 -32.18 -3.35 -29.60
C ILE D 168 -32.43 -1.95 -30.19
N GLY D 169 -31.93 -1.75 -31.40
CA GLY D 169 -32.15 -0.55 -32.23
C GLY D 169 -31.14 0.52 -31.91
N GLY D 170 -30.07 0.17 -31.19
CA GLY D 170 -28.96 1.08 -30.85
C GLY D 170 -28.99 1.45 -29.39
N GLY D 171 -27.83 1.77 -28.85
CA GLY D 171 -27.64 2.24 -27.48
C GLY D 171 -27.09 1.15 -26.60
N GLN D 172 -26.56 1.57 -25.44
CA GLN D 172 -25.98 0.67 -24.42
C GLN D 172 -26.43 1.18 -23.05
N ILE D 173 -26.66 0.27 -22.13
CA ILE D 173 -26.87 0.61 -20.70
C ILE D 173 -25.83 -0.13 -19.85
N ILE D 174 -25.60 0.38 -18.64
CA ILE D 174 -24.67 -0.21 -17.64
C ILE D 174 -25.49 -1.01 -16.60
N ALA D 175 -25.02 -2.22 -16.31
CA ALA D 175 -25.42 -2.99 -15.12
C ALA D 175 -24.22 -2.98 -14.16
N ALA D 176 -24.31 -2.16 -13.11
CA ALA D 176 -23.31 -2.00 -12.04
C ALA D 176 -23.36 -3.21 -11.10
N HIS D 177 -22.27 -3.98 -11.02
CA HIS D 177 -22.14 -5.19 -10.17
C HIS D 177 -21.27 -4.87 -8.94
N GLN D 178 -21.81 -5.15 -7.76
CA GLN D 178 -21.07 -5.28 -6.49
C GLN D 178 -21.09 -6.76 -6.13
N GLN D 179 -19.97 -7.34 -5.75
CA GLN D 179 -19.86 -8.79 -5.57
C GLN D 179 -19.01 -9.07 -4.32
N LEU D 180 -19.44 -10.03 -3.51
CA LEU D 180 -18.71 -10.53 -2.33
C LEU D 180 -18.57 -12.04 -2.44
N ASN D 181 -17.37 -12.56 -2.29
CA ASN D 181 -17.10 -14.02 -2.25
C ASN D 181 -16.53 -14.33 -0.87
N THR D 182 -17.20 -15.23 -0.14
CA THR D 182 -16.81 -15.71 1.20
C THR D 182 -16.77 -17.24 1.18
N PRO D 183 -16.08 -17.88 2.15
CA PRO D 183 -15.94 -19.33 2.12
C PRO D 183 -17.18 -20.05 2.68
N LEU D 184 -17.42 -21.26 2.18
CA LEU D 184 -18.41 -22.21 2.74
C LEU D 184 -17.71 -23.06 3.82
N GLY D 185 -16.44 -23.40 3.62
CA GLY D 185 -15.64 -24.20 4.58
C GLY D 185 -15.01 -23.36 5.67
N GLY D 186 -14.33 -24.03 6.60
CA GLY D 186 -13.51 -23.41 7.67
C GLY D 186 -12.03 -23.50 7.34
N GLY D 187 -11.68 -24.12 6.21
CA GLY D 187 -10.30 -24.31 5.75
C GLY D 187 -9.64 -22.98 5.41
N PRO D 188 -8.29 -22.97 5.20
CA PRO D 188 -7.57 -21.78 4.78
C PRO D 188 -7.95 -21.35 3.36
N VAL D 189 -8.01 -20.04 3.11
CA VAL D 189 -8.24 -19.42 1.77
C VAL D 189 -7.04 -18.54 1.38
N ASP D 190 -6.81 -18.32 0.08
CA ASP D 190 -5.75 -17.41 -0.44
C ASP D 190 -6.40 -16.09 -0.86
N ILE D 191 -6.16 -15.00 -0.12
CA ILE D 191 -6.72 -13.66 -0.40
C ILE D 191 -5.69 -12.83 -1.18
N PRO D 192 -5.99 -12.44 -2.42
CA PRO D 192 -5.01 -11.78 -3.28
C PRO D 192 -4.91 -10.27 -3.11
N HIS D 193 -3.83 -9.70 -3.66
CA HIS D 193 -3.73 -8.24 -3.87
C HIS D 193 -4.73 -7.86 -4.96
N TYR D 194 -5.09 -6.58 -5.03
CA TYR D 194 -5.93 -5.98 -6.09
C TYR D 194 -5.34 -6.29 -7.48
N HIS D 195 -6.20 -6.84 -8.33
CA HIS D 195 -5.89 -7.20 -9.73
C HIS D 195 -7.18 -7.20 -10.56
N HIS D 196 -7.06 -7.44 -11.86
CA HIS D 196 -8.19 -7.49 -12.82
C HIS D 196 -8.37 -8.91 -13.35
N ILE D 197 -9.59 -9.22 -13.74
CA ILE D 197 -9.92 -10.37 -14.62
C ILE D 197 -10.53 -9.79 -15.89
N GLN D 198 -9.86 -10.02 -17.02
CA GLN D 198 -10.39 -9.77 -18.38
C GLN D 198 -11.43 -10.85 -18.69
N ALA D 199 -12.62 -10.43 -19.13
CA ALA D 199 -13.74 -11.31 -19.49
C ALA D 199 -14.14 -11.04 -20.94
N HIS D 200 -14.39 -12.12 -21.69
CA HIS D 200 -14.86 -12.10 -23.10
C HIS D 200 -15.92 -13.18 -23.24
N THR D 201 -17.07 -12.85 -23.84
CA THR D 201 -18.28 -13.72 -23.85
C THR D 201 -18.93 -13.61 -25.22
N ILE D 202 -19.12 -14.75 -25.90
CA ILE D 202 -19.98 -14.86 -27.11
C ILE D 202 -21.22 -15.68 -26.76
N LEU D 203 -22.39 -15.07 -26.95
CA LEU D 203 -23.72 -15.73 -26.85
C LEU D 203 -24.14 -16.27 -28.23
N SER D 204 -24.82 -17.41 -28.27
CA SER D 204 -25.35 -18.00 -29.53
C SER D 204 -26.64 -18.78 -29.22
N LYS D 205 -27.43 -19.02 -30.27
CA LYS D 205 -28.58 -19.95 -30.24
C LYS D 205 -28.21 -21.18 -31.04
N ASP D 206 -28.76 -22.32 -30.65
CA ASP D 206 -28.86 -23.56 -31.46
C ASP D 206 -30.13 -23.47 -32.30
N PRO D 207 -30.02 -23.46 -33.65
CA PRO D 207 -31.22 -23.45 -34.49
C PRO D 207 -32.14 -24.67 -34.30
N LYS D 208 -31.61 -25.81 -33.83
CA LYS D 208 -32.36 -27.07 -33.62
C LYS D 208 -33.02 -27.08 -32.22
N GLU D 209 -32.73 -26.13 -31.35
CA GLU D 209 -33.23 -26.11 -29.96
C GLU D 209 -34.57 -25.34 -29.91
N THR D 210 -35.64 -25.97 -29.44
CA THR D 210 -37.01 -25.38 -29.42
C THR D 210 -37.29 -24.66 -28.10
N ARG D 211 -36.59 -24.99 -27.01
CA ARG D 211 -36.80 -24.31 -25.69
C ARG D 211 -36.09 -22.95 -25.69
N ASP D 212 -36.53 -22.00 -24.86
CA ASP D 212 -35.84 -20.71 -24.62
C ASP D 212 -34.47 -21.04 -24.02
N HIS D 213 -33.39 -20.56 -24.63
CA HIS D 213 -32.02 -21.06 -24.36
C HIS D 213 -30.95 -20.00 -24.67
N MET D 214 -29.75 -20.28 -24.17
CA MET D 214 -28.54 -19.43 -24.35
C MET D 214 -27.32 -20.35 -24.29
N ASN D 215 -26.53 -20.34 -25.36
CA ASN D 215 -25.20 -20.98 -25.41
C ASN D 215 -24.15 -19.88 -25.27
N VAL D 216 -23.01 -20.27 -24.71
CA VAL D 216 -22.05 -19.36 -24.04
C VAL D 216 -20.65 -19.91 -24.31
N VAL D 217 -19.78 -19.06 -24.85
CA VAL D 217 -18.32 -19.31 -24.94
C VAL D 217 -17.64 -18.10 -24.30
N GLU D 218 -16.84 -18.34 -23.28
CA GLU D 218 -16.28 -17.30 -22.38
C GLU D 218 -14.79 -17.54 -22.18
N VAL D 219 -14.02 -16.46 -22.02
CA VAL D 219 -12.58 -16.48 -21.62
C VAL D 219 -12.41 -15.48 -20.47
N PHE D 220 -11.84 -15.97 -19.36
CA PHE D 220 -11.49 -15.20 -18.13
C PHE D 220 -10.00 -15.36 -17.88
N ARG D 221 -9.27 -14.25 -17.85
CA ARG D 221 -7.81 -14.25 -17.58
C ARG D 221 -7.52 -13.19 -16.50
N ALA D 222 -6.95 -13.62 -15.39
CA ALA D 222 -6.45 -12.75 -14.31
C ALA D 222 -5.22 -12.02 -14.85
N ILE D 223 -5.14 -10.72 -14.59
CA ILE D 223 -4.01 -9.86 -15.04
CA ILE D 223 -4.02 -9.86 -15.03
C ILE D 223 -3.51 -9.09 -13.81
N ASP D 224 -2.19 -9.11 -13.60
CA ASP D 224 -1.52 -8.35 -12.51
C ASP D 224 -1.35 -6.92 -13.04
N CYS D 225 -2.41 -6.12 -12.97
CA CYS D 225 -2.49 -4.80 -13.65
C CYS D 225 -1.43 -3.83 -13.08
N LYS D 226 -1.04 -4.00 -11.82
CA LYS D 226 0.03 -3.18 -11.19
C LYS D 226 1.31 -3.30 -12.03
N THR D 227 1.54 -4.45 -12.64
CA THR D 227 2.71 -4.72 -13.51
C THR D 227 2.34 -4.50 -14.97
N ALA D 228 1.28 -5.18 -15.45
CA ALA D 228 0.94 -5.30 -16.89
C ALA D 228 0.64 -3.94 -17.50
N TYR D 229 0.04 -3.00 -16.77
CA TYR D 229 -0.43 -1.70 -17.33
C TYR D 229 0.69 -0.66 -17.21
N ALA D 230 1.84 -1.00 -16.61
CA ALA D 230 2.97 -0.07 -16.40
C ALA D 230 3.62 0.31 -17.74
C1 GOL E . 7.87 3.63 -2.15
O1 GOL E . 7.24 4.90 -2.34
C2 GOL E . 8.57 3.55 -0.81
O2 GOL E . 7.79 2.76 0.09
C3 GOL E . 10.01 3.02 -0.90
O3 GOL E . 10.33 1.97 0.01
C1 GOL F . 25.05 13.87 21.60
O1 GOL F . 26.01 14.57 20.82
C2 GOL F . 24.34 12.83 20.76
O2 GOL F . 24.63 11.54 21.30
C3 GOL F . 22.83 13.04 20.61
O3 GOL F . 22.03 12.01 21.18
C1 GOL G . 2.06 1.15 -8.78
O1 GOL G . 2.59 -0.16 -8.97
C2 GOL G . 0.56 1.15 -9.03
O2 GOL G . -0.09 0.76 -7.81
C3 GOL G . 0.04 2.50 -9.50
O3 GOL G . -1.06 2.41 -10.41
C1 GOL H . -25.41 8.46 -22.65
O1 GOL H . -25.42 9.75 -22.01
C2 GOL H . -26.78 7.92 -23.00
O2 GOL H . -27.35 7.34 -21.80
C3 GOL H . -27.73 8.94 -23.64
O3 GOL H . -27.58 9.03 -25.06
C1 GOL I . -17.08 -10.42 -26.45
O1 GOL I . -17.98 -10.36 -25.34
C2 GOL I . -17.82 -10.24 -27.76
O2 GOL I . -18.22 -8.88 -27.95
C3 GOL I . -17.03 -10.66 -28.96
O3 GOL I . -17.70 -10.26 -30.15
#